data_6X7Q
#
_entry.id   6X7Q
#
_cell.length_a   106.918
_cell.length_b   106.918
_cell.length_c   126.596
_cell.angle_alpha   90.000
_cell.angle_beta   90.000
_cell.angle_gamma   90.000
#
_symmetry.space_group_name_H-M   'P 42 21 2'
#
loop_
_entity.id
_entity.type
_entity.pdbx_description
1 polymer 'Chloramphenicol acetyltransferase 3'
2 non-polymer acetyl-oxa(dethia)-CoA
3 non-polymer 'ZINC ION'
4 non-polymer 'TETRAETHYLENE GLYCOL'
5 non-polymer CHLORAMPHENICOL
6 non-polymer DI(HYDROXYETHYL)ETHER
7 water water
#
_entity_poly.entity_id   1
_entity_poly.type   'polypeptide(L)'
_entity_poly.pdbx_seq_one_letter_code
;SGGNYTKFDVKNWVRREHFEFYRHRLPCGFSLTSKIDITTLKKSLDDSAYKFYPVMIYLIAQAVNQFDELRMAIKDDELI
VWDSVDPQFTVFHQETETFSALSCPYSSDIDQFMVNYLSVMERYKSDTKLFPQGVTPENHLNISALPWVNFDSFNLNVAN
FTDYFAPIITMAKYQQEGDRLLLPLSVQVHHAVCDGFHVARFINRLQELCNSKLK
;
_entity_poly.pdbx_strand_id   A,B,C
#
# COMPACT_ATOMS: atom_id res chain seq x y z
N ASN A 4 23.50 21.22 10.12
CA ASN A 4 23.01 22.41 9.36
C ASN A 4 22.84 22.05 7.88
N TYR A 5 22.71 23.04 6.99
CA TYR A 5 22.08 22.84 5.69
C TYR A 5 22.60 23.80 4.64
N THR A 6 22.27 23.50 3.39
CA THR A 6 22.46 24.43 2.28
C THR A 6 21.13 24.65 1.56
N LYS A 7 20.99 25.82 0.92
CA LYS A 7 19.85 26.11 0.08
C LYS A 7 20.07 25.43 -1.27
N PHE A 8 19.09 24.69 -1.76
CA PHE A 8 19.23 23.98 -3.01
C PHE A 8 19.03 24.95 -4.16
N ASP A 9 19.83 24.76 -5.22
CA ASP A 9 19.68 25.58 -6.42
C ASP A 9 18.54 25.03 -7.28
N VAL A 10 17.27 25.38 -6.96
CA VAL A 10 16.11 24.87 -7.67
C VAL A 10 16.12 25.40 -9.12
N LYS A 11 16.45 26.68 -9.31
CA LYS A 11 16.33 27.26 -10.63
C LYS A 11 17.22 26.55 -11.67
N ASN A 12 18.33 25.92 -11.26
CA ASN A 12 19.16 25.16 -12.20
C ASN A 12 18.95 23.65 -12.11
N TRP A 13 17.97 23.17 -11.32
CA TRP A 13 17.74 21.74 -11.10
C TRP A 13 17.06 21.09 -12.30
N VAL A 14 17.52 19.88 -12.67
CA VAL A 14 16.88 19.09 -13.72
C VAL A 14 15.41 18.79 -13.40
N ARG A 15 15.06 18.70 -12.11
CA ARG A 15 13.70 18.40 -11.66
C ARG A 15 12.92 19.62 -11.21
N ARG A 16 13.30 20.85 -11.58
CA ARG A 16 12.57 21.99 -11.07
C ARG A 16 11.08 21.98 -11.43
N GLU A 17 10.73 21.53 -12.65
CA GLU A 17 9.35 21.43 -13.08
C GLU A 17 8.60 20.41 -12.23
N HIS A 18 9.22 19.24 -12.00
CA HIS A 18 8.62 18.15 -11.24
C HIS A 18 8.41 18.59 -9.81
N PHE A 19 9.39 19.33 -9.25
CA PHE A 19 9.26 19.80 -7.88
C PHE A 19 7.99 20.65 -7.71
N GLU A 20 7.79 21.63 -8.60
CA GLU A 20 6.61 22.48 -8.53
C GLU A 20 5.33 21.69 -8.75
N PHE A 21 5.40 20.73 -9.67
CA PHE A 21 4.26 19.93 -10.07
C PHE A 21 3.76 19.09 -8.89
N TYR A 22 4.66 18.30 -8.28
CA TYR A 22 4.28 17.38 -7.21
C TYR A 22 4.20 18.09 -5.86
N ARG A 23 4.71 19.31 -5.74
CA ARG A 23 4.50 20.05 -4.51
C ARG A 23 3.13 20.74 -4.50
N HIS A 24 2.77 21.36 -5.63
CA HIS A 24 1.63 22.30 -5.66
C HIS A 24 0.51 21.88 -6.60
N ARG A 25 0.84 21.37 -7.80
CA ARG A 25 -0.17 21.12 -8.81
C ARG A 25 -0.86 19.76 -8.60
N LEU A 26 -0.10 18.69 -8.30
CA LEU A 26 -0.64 17.39 -7.97
C LEU A 26 0.12 16.87 -6.75
N PRO A 27 -0.16 17.40 -5.54
CA PRO A 27 0.58 16.98 -4.33
C PRO A 27 0.37 15.50 -4.02
N CYS A 28 1.49 14.77 -3.95
CA CYS A 28 1.42 13.34 -3.68
C CYS A 28 2.78 12.83 -3.27
N GLY A 29 2.74 11.64 -2.68
CA GLY A 29 3.89 10.82 -2.44
C GLY A 29 3.54 9.37 -2.70
N PHE A 30 4.50 8.48 -2.44
CA PHE A 30 4.22 7.07 -2.60
C PHE A 30 5.03 6.28 -1.57
N SER A 31 4.56 5.05 -1.36
CA SER A 31 5.26 4.05 -0.58
C SER A 31 5.57 2.89 -1.51
N LEU A 32 6.71 2.24 -1.24
CA LEU A 32 6.97 0.99 -1.90
C LEU A 32 7.66 0.04 -0.93
N THR A 33 7.13 -1.19 -0.92
CA THR A 33 7.66 -2.23 -0.05
C THR A 33 8.35 -3.28 -0.92
N SER A 34 9.58 -3.64 -0.50
CA SER A 34 10.52 -4.47 -1.22
C SER A 34 11.11 -5.45 -0.20
N LYS A 35 11.68 -6.57 -0.64
CA LYS A 35 12.40 -7.44 0.29
C LYS A 35 13.89 -7.18 0.14
N ILE A 36 14.55 -6.94 1.26
CA ILE A 36 16.00 -6.86 1.30
C ILE A 36 16.55 -8.25 1.58
N ASP A 37 17.46 -8.73 0.74
CA ASP A 37 18.11 -10.00 1.03
C ASP A 37 19.19 -9.80 2.09
N ILE A 38 18.94 -10.34 3.29
CA ILE A 38 19.87 -10.15 4.42
C ILE A 38 20.64 -11.46 4.67
N THR A 39 20.70 -12.36 3.69
CA THR A 39 21.44 -13.64 3.87
C THR A 39 22.89 -13.34 4.25
N THR A 40 23.57 -12.53 3.43
CA THR A 40 24.96 -12.14 3.67
C THR A 40 25.10 -11.34 4.95
N LEU A 41 24.20 -10.39 5.18
CA LEU A 41 24.30 -9.57 6.36
C LEU A 41 24.25 -10.44 7.63
N LYS A 42 23.35 -11.44 7.67
CA LYS A 42 23.20 -12.30 8.84
C LYS A 42 24.52 -13.06 9.08
N LYS A 43 25.24 -13.44 8.02
CA LYS A 43 26.55 -14.06 8.20
C LYS A 43 27.59 -13.09 8.75
N SER A 44 27.56 -11.83 8.30
CA SER A 44 28.43 -10.79 8.81
C SER A 44 28.14 -10.53 10.29
N LEU A 45 26.86 -10.54 10.67
CA LEU A 45 26.43 -10.25 12.03
C LEU A 45 26.82 -11.39 12.98
N ASP A 46 26.63 -12.65 12.53
CA ASP A 46 26.74 -13.79 13.42
C ASP A 46 28.22 -13.92 13.81
N ASP A 47 29.08 -13.29 13.03
CA ASP A 47 30.50 -13.26 13.27
C ASP A 47 30.93 -11.91 13.85
N SER A 48 30.08 -11.29 14.70
CA SER A 48 30.33 -9.97 15.25
C SER A 48 29.53 -9.76 16.55
N ALA A 49 29.75 -8.61 17.19
CA ALA A 49 29.11 -8.28 18.45
C ALA A 49 28.03 -7.20 18.25
N TYR A 50 27.71 -6.89 16.99
CA TYR A 50 26.71 -5.86 16.71
C TYR A 50 25.34 -6.52 16.61
N LYS A 51 24.30 -5.74 16.91
CA LYS A 51 22.95 -6.29 16.90
C LYS A 51 22.24 -5.84 15.63
N PHE A 52 21.26 -6.64 15.23
CA PHE A 52 20.61 -6.49 13.94
C PHE A 52 19.98 -5.10 13.79
N TYR A 53 19.20 -4.63 14.77
CA TYR A 53 18.44 -3.39 14.58
C TYR A 53 19.34 -2.15 14.44
N PRO A 54 20.33 -1.92 15.35
CA PRO A 54 21.29 -0.83 15.15
C PRO A 54 22.15 -0.93 13.89
N VAL A 55 22.47 -2.15 13.44
CA VAL A 55 23.19 -2.29 12.17
C VAL A 55 22.27 -1.86 11.02
N MET A 56 20.98 -2.26 11.05
CA MET A 56 20.08 -1.85 9.98
C MET A 56 19.90 -0.32 10.01
N ILE A 57 19.79 0.26 11.21
CA ILE A 57 19.66 1.70 11.35
C ILE A 57 20.87 2.40 10.72
N TYR A 58 22.07 1.94 11.07
CA TYR A 58 23.30 2.47 10.52
C TYR A 58 23.37 2.39 9.01
N LEU A 59 23.02 1.22 8.42
CA LEU A 59 23.12 1.06 6.97
C LEU A 59 22.08 1.92 6.27
N ILE A 60 20.85 1.97 6.80
CA ILE A 60 19.81 2.85 6.26
C ILE A 60 20.23 4.33 6.30
N ALA A 61 20.75 4.79 7.44
CA ALA A 61 21.20 6.16 7.59
C ALA A 61 22.40 6.43 6.68
N GLN A 62 23.26 5.43 6.48
CA GLN A 62 24.43 5.61 5.61
C GLN A 62 23.95 5.85 4.19
N ALA A 63 23.03 5.01 3.70
CA ALA A 63 22.49 5.14 2.36
C ALA A 63 21.81 6.50 2.19
N VAL A 64 21.01 6.95 3.18
CA VAL A 64 20.31 8.22 3.10
C VAL A 64 21.29 9.39 3.02
N ASN A 65 22.39 9.30 3.81
CA ASN A 65 23.39 10.35 3.84
C ASN A 65 24.22 10.42 2.56
N GLN A 66 24.02 9.53 1.62
CA GLN A 66 24.71 9.55 0.34
C GLN A 66 23.91 10.34 -0.70
N PHE A 67 22.61 10.60 -0.49
CA PHE A 67 21.73 11.09 -1.56
C PHE A 67 20.97 12.34 -1.12
N ASP A 68 21.27 13.48 -1.77
CA ASP A 68 20.73 14.77 -1.32
C ASP A 68 19.19 14.76 -1.24
N GLU A 69 18.56 14.12 -2.22
CA GLU A 69 17.10 14.18 -2.34
C GLU A 69 16.39 13.41 -1.21
N LEU A 70 17.16 12.67 -0.39
CA LEU A 70 16.63 12.01 0.79
C LEU A 70 16.85 12.82 2.06
N ARG A 71 17.37 14.05 1.92
CA ARG A 71 17.69 14.92 3.04
C ARG A 71 17.12 16.30 2.81
N MET A 72 15.98 16.35 2.12
CA MET A 72 15.44 17.66 1.77
C MET A 72 14.35 18.10 2.75
N ALA A 73 14.17 19.43 2.83
CA ALA A 73 13.13 20.03 3.65
C ALA A 73 12.82 21.42 3.12
N ILE A 74 11.71 22.01 3.56
CA ILE A 74 11.40 23.40 3.31
C ILE A 74 11.77 24.20 4.55
N LYS A 75 12.46 25.30 4.37
CA LYS A 75 12.77 26.25 5.42
C LYS A 75 12.67 27.64 4.84
N ASP A 76 11.84 28.50 5.48
CA ASP A 76 11.52 29.81 4.95
C ASP A 76 11.06 29.71 3.49
N ASP A 77 10.17 28.75 3.20
CA ASP A 77 9.57 28.49 1.89
C ASP A 77 10.61 28.32 0.78
N GLU A 78 11.80 27.84 1.13
CA GLU A 78 12.82 27.46 0.17
C GLU A 78 13.23 26.02 0.45
N LEU A 79 13.62 25.34 -0.62
CA LEU A 79 14.15 23.99 -0.51
C LEU A 79 15.57 24.02 0.05
N ILE A 80 15.78 23.21 1.08
CA ILE A 80 17.12 22.99 1.63
C ILE A 80 17.44 21.51 1.62
N VAL A 81 18.75 21.25 1.79
CA VAL A 81 19.32 19.94 1.97
C VAL A 81 20.14 19.95 3.24
N TRP A 82 19.82 19.05 4.17
CA TRP A 82 20.60 18.90 5.39
C TRP A 82 21.97 18.33 5.00
N ASP A 83 23.05 18.82 5.61
CA ASP A 83 24.39 18.31 5.32
C ASP A 83 24.45 16.81 5.61
N SER A 84 23.76 16.40 6.69
CA SER A 84 23.75 15.05 7.24
C SER A 84 22.44 14.90 8.01
N VAL A 85 21.84 13.70 8.05
CA VAL A 85 20.69 13.49 8.89
C VAL A 85 21.01 12.38 9.89
N ASP A 86 20.38 12.50 11.04
CA ASP A 86 20.46 11.52 12.10
C ASP A 86 19.21 10.63 12.11
N PRO A 87 19.34 9.32 12.40
CA PRO A 87 18.16 8.47 12.48
C PRO A 87 17.36 8.75 13.74
N GLN A 88 16.04 8.81 13.55
CA GLN A 88 15.09 8.75 14.66
C GLN A 88 14.39 7.40 14.53
N PHE A 89 14.61 6.55 15.53
CA PHE A 89 14.15 5.17 15.47
C PHE A 89 13.24 4.87 16.65
N THR A 90 12.31 3.93 16.49
CA THR A 90 11.42 3.60 17.58
C THR A 90 11.94 2.42 18.40
N VAL A 91 11.56 2.41 19.68
CA VAL A 91 11.94 1.37 20.62
C VAL A 91 10.67 0.97 21.37
N PHE A 92 10.66 -0.27 21.86
CA PHE A 92 9.50 -0.85 22.49
C PHE A 92 9.73 -1.02 23.98
N HIS A 93 8.69 -0.78 24.78
CA HIS A 93 8.65 -1.00 26.22
C HIS A 93 7.72 -2.17 26.51
N GLN A 94 8.31 -3.33 26.83
CA GLN A 94 7.50 -4.52 27.01
C GLN A 94 6.58 -4.35 28.22
N GLU A 95 6.94 -3.54 29.23
CA GLU A 95 6.16 -3.50 30.47
C GLU A 95 4.83 -2.79 30.23
N THR A 96 4.81 -1.79 29.34
CA THR A 96 3.61 -1.01 29.02
C THR A 96 3.01 -1.36 27.65
N GLU A 97 3.75 -2.08 26.81
CA GLU A 97 3.35 -2.33 25.43
C GLU A 97 3.13 -1.01 24.68
N THR A 98 4.01 -0.06 24.95
CA THR A 98 4.05 1.22 24.24
C THR A 98 5.43 1.40 23.58
N PHE A 99 5.54 2.39 22.69
CA PHE A 99 6.81 2.69 22.04
C PHE A 99 7.19 4.15 22.27
N SER A 100 8.48 4.42 22.08
CA SER A 100 9.06 5.76 22.09
C SER A 100 9.89 5.94 20.83
N ALA A 101 10.23 7.19 20.54
CA ALA A 101 11.13 7.56 19.45
C ALA A 101 12.39 8.23 19.99
N LEU A 102 13.55 7.68 19.64
CA LEU A 102 14.85 8.19 20.03
C LEU A 102 15.66 8.50 18.78
N SER A 103 16.58 9.44 18.93
CA SER A 103 17.55 9.67 17.88
C SER A 103 18.97 9.57 18.44
N CYS A 104 19.93 9.29 17.55
CA CYS A 104 21.32 9.46 17.93
C CYS A 104 22.11 10.00 16.75
N PRO A 105 23.29 10.61 17.01
CA PRO A 105 24.10 11.21 15.95
C PRO A 105 24.60 10.14 14.99
N TYR A 106 24.45 10.44 13.70
CA TYR A 106 24.98 9.57 12.68
C TYR A 106 26.52 9.70 12.67
N SER A 107 27.21 8.59 12.43
CA SER A 107 28.62 8.61 12.16
C SER A 107 28.89 7.61 11.05
N SER A 108 29.79 7.96 10.12
CA SER A 108 30.11 7.04 9.03
C SER A 108 30.91 5.86 9.58
N ASP A 109 31.51 6.05 10.73
CA ASP A 109 32.24 4.97 11.40
C ASP A 109 31.27 4.12 12.21
N ILE A 110 31.17 2.82 11.86
CA ILE A 110 30.15 1.98 12.45
C ILE A 110 30.40 1.83 13.96
N ASP A 111 31.66 1.81 14.39
CA ASP A 111 31.97 1.65 15.81
C ASP A 111 31.56 2.91 16.58
N GLN A 112 31.84 4.10 16.07
CA GLN A 112 31.37 5.32 16.69
C GLN A 112 29.83 5.37 16.68
N PHE A 113 29.20 4.90 15.59
CA PHE A 113 27.75 4.90 15.54
C PHE A 113 27.21 4.07 16.71
N MET A 114 27.77 2.86 16.89
CA MET A 114 27.31 1.94 17.90
C MET A 114 27.52 2.54 19.29
N VAL A 115 28.60 3.29 19.48
CA VAL A 115 28.82 3.94 20.77
C VAL A 115 27.66 4.89 21.05
N ASN A 116 27.38 5.77 20.06
CA ASN A 116 26.32 6.78 20.12
C ASN A 116 24.96 6.13 20.38
N TYR A 117 24.66 5.02 19.69
CA TYR A 117 23.39 4.35 19.81
C TYR A 117 23.23 3.75 21.22
N LEU A 118 24.25 3.00 21.68
CA LEU A 118 24.14 2.22 22.91
C LEU A 118 24.05 3.15 24.12
N SER A 119 24.64 4.32 23.98
CA SER A 119 24.60 5.37 24.98
C SER A 119 23.17 5.95 25.12
N VAL A 120 22.56 6.31 23.98
CA VAL A 120 21.18 6.77 23.99
C VAL A 120 20.29 5.68 24.57
N MET A 121 20.52 4.42 24.19
CA MET A 121 19.68 3.36 24.71
C MET A 121 19.83 3.24 26.23
N GLU A 122 21.07 3.31 26.71
CA GLU A 122 21.34 3.15 28.14
C GLU A 122 20.57 4.21 28.93
N ARG A 123 20.64 5.45 28.46
CA ARG A 123 19.99 6.58 29.13
C ARG A 123 18.47 6.48 29.04
N TYR A 124 17.90 6.14 27.87
CA TYR A 124 16.48 6.40 27.61
C TYR A 124 15.61 5.18 27.33
N LYS A 125 16.16 3.98 27.36
CA LYS A 125 15.44 2.82 26.85
C LYS A 125 14.21 2.49 27.69
N SER A 126 14.17 2.93 28.97
CA SER A 126 13.05 2.65 29.86
CA SER A 126 13.07 2.67 29.89
C SER A 126 12.10 3.85 29.98
N ASP A 127 12.42 4.99 29.33
CA ASP A 127 11.64 6.23 29.42
C ASP A 127 10.40 6.07 28.54
N THR A 128 9.21 6.20 29.13
CA THR A 128 7.99 5.92 28.39
C THR A 128 7.39 7.17 27.72
N LYS A 129 8.05 8.34 27.81
CA LYS A 129 7.62 9.48 27.02
C LYS A 129 7.76 9.12 25.54
N LEU A 130 6.88 9.68 24.69
CA LEU A 130 6.95 9.42 23.27
C LEU A 130 8.28 9.91 22.69
N PHE A 131 8.70 11.09 23.12
CA PHE A 131 9.95 11.71 22.72
C PHE A 131 10.79 12.02 23.96
N PRO A 132 11.47 11.01 24.54
CA PRO A 132 12.25 11.23 25.76
C PRO A 132 13.32 12.31 25.71
N GLN A 133 13.89 12.61 24.53
CA GLN A 133 14.97 13.57 24.39
C GLN A 133 14.46 15.00 24.14
N GLY A 134 13.15 15.16 23.99
CA GLY A 134 12.55 16.43 23.64
C GLY A 134 12.33 16.54 22.13
N VAL A 135 12.52 17.75 21.62
CA VAL A 135 12.24 18.04 20.23
C VAL A 135 13.14 17.20 19.29
N THR A 136 12.53 16.48 18.32
CA THR A 136 13.19 15.69 17.29
C THR A 136 14.22 16.57 16.55
N PRO A 137 15.50 16.17 16.31
CA PRO A 137 16.40 16.94 15.44
C PRO A 137 15.72 17.26 14.10
N GLU A 138 15.94 18.48 13.60
CA GLU A 138 15.24 18.85 12.38
C GLU A 138 15.81 18.02 11.23
N ASN A 139 17.12 17.69 11.29
CA ASN A 139 17.81 16.91 10.27
C ASN A 139 17.67 15.42 10.61
N HIS A 140 16.52 14.83 10.23
CA HIS A 140 16.19 13.49 10.68
C HIS A 140 15.71 12.58 9.54
N LEU A 141 15.71 11.26 9.81
N LEU A 141 15.73 11.29 9.89
CA LEU A 141 14.99 10.28 9.01
CA LEU A 141 15.16 10.19 9.13
C LEU A 141 14.38 9.26 9.95
C LEU A 141 14.24 9.48 10.12
N ASN A 142 13.12 8.89 9.68
CA ASN A 142 12.33 8.06 10.58
C ASN A 142 12.50 6.58 10.22
N ILE A 143 12.78 5.75 11.22
CA ILE A 143 12.93 4.32 11.07
C ILE A 143 12.12 3.62 12.17
N SER A 144 11.29 2.65 11.76
CA SER A 144 10.57 1.82 12.70
CA SER A 144 10.53 1.83 12.67
C SER A 144 10.65 0.36 12.28
N ALA A 145 10.46 -0.53 13.27
CA ALA A 145 10.37 -1.96 13.00
C ALA A 145 9.12 -2.52 13.66
N LEU A 146 8.56 -3.55 13.03
CA LEU A 146 7.50 -4.39 13.59
C LEU A 146 8.05 -5.80 13.66
N PRO A 147 8.85 -6.14 14.69
CA PRO A 147 9.55 -7.42 14.74
C PRO A 147 8.71 -8.66 15.02
N TRP A 148 7.42 -8.45 15.33
CA TRP A 148 6.52 -9.51 15.76
C TRP A 148 5.76 -10.12 14.59
N VAL A 149 5.77 -9.49 13.40
CA VAL A 149 4.98 -9.98 12.27
C VAL A 149 5.71 -9.67 10.98
N ASN A 150 5.57 -10.62 10.02
CA ASN A 150 6.04 -10.43 8.67
C ASN A 150 4.94 -9.69 7.89
N PHE A 151 5.34 -8.77 7.01
CA PHE A 151 4.41 -8.15 6.08
C PHE A 151 5.05 -8.13 4.69
N ASP A 152 4.21 -8.01 3.67
CA ASP A 152 4.65 -7.79 2.29
C ASP A 152 4.37 -6.37 1.83
N SER A 153 3.57 -5.63 2.59
CA SER A 153 3.20 -4.26 2.27
CA SER A 153 3.21 -4.27 2.26
C SER A 153 2.98 -3.47 3.54
N PHE A 154 3.38 -2.19 3.52
CA PHE A 154 3.11 -1.29 4.62
C PHE A 154 2.90 0.10 4.01
N ASN A 155 1.87 0.83 4.44
CA ASN A 155 1.66 2.17 3.91
C ASN A 155 1.10 3.03 5.04
N LEU A 156 1.67 4.23 5.23
CA LEU A 156 1.09 5.24 6.11
C LEU A 156 0.15 6.18 5.35
N ASN A 157 -1.07 6.28 5.90
CA ASN A 157 -2.12 7.16 5.40
C ASN A 157 -2.09 8.40 6.30
N VAL A 158 -1.46 9.45 5.79
CA VAL A 158 -1.23 10.65 6.61
C VAL A 158 -2.21 11.72 6.13
N ALA A 159 -2.96 12.30 7.06
CA ALA A 159 -4.01 13.21 6.66
C ALA A 159 -3.47 14.50 6.02
N ASN A 160 -2.33 15.01 6.54
CA ASN A 160 -1.68 16.19 5.98
C ASN A 160 -0.17 15.96 5.90
N PHE A 161 0.38 15.76 4.70
CA PHE A 161 1.82 15.54 4.55
C PHE A 161 2.48 16.71 3.82
N THR A 162 1.82 17.88 3.83
CA THR A 162 2.27 19.05 3.10
C THR A 162 3.75 19.35 3.37
N ASP A 163 4.55 19.36 2.29
CA ASP A 163 5.95 19.76 2.35
C ASP A 163 6.81 18.94 3.32
N TYR A 164 6.38 17.73 3.71
CA TYR A 164 7.20 16.86 4.51
C TYR A 164 7.95 15.88 3.61
N PHE A 165 9.30 16.05 3.54
CA PHE A 165 10.11 15.35 2.55
C PHE A 165 11.07 14.31 3.13
N ALA A 166 11.14 14.17 4.46
CA ALA A 166 12.01 13.16 5.05
C ALA A 166 11.44 11.78 4.74
N PRO A 167 12.29 10.82 4.32
N PRO A 167 12.21 10.86 4.12
CA PRO A 167 11.81 9.48 4.01
CA PRO A 167 11.75 9.48 3.98
C PRO A 167 11.42 8.73 5.28
C PRO A 167 11.28 8.89 5.30
N ILE A 168 10.36 7.91 5.19
CA ILE A 168 9.89 7.11 6.31
C ILE A 168 10.12 5.66 5.98
N ILE A 169 10.90 4.97 6.82
CA ILE A 169 11.33 3.63 6.55
C ILE A 169 10.79 2.72 7.64
N THR A 170 10.14 1.60 7.24
CA THR A 170 9.56 0.65 8.17
C THR A 170 9.97 -0.78 7.77
N MET A 171 10.42 -1.55 8.77
N MET A 171 10.52 -1.56 8.73
CA MET A 171 10.83 -2.93 8.59
CA MET A 171 10.90 -2.94 8.47
C MET A 171 9.83 -3.86 9.24
C MET A 171 10.05 -3.90 9.32
N ALA A 172 9.83 -5.11 8.76
CA ALA A 172 9.03 -6.16 9.37
C ALA A 172 9.94 -7.27 9.89
N LYS A 173 9.29 -8.29 10.44
CA LYS A 173 9.97 -9.51 10.82
C LYS A 173 10.55 -10.16 9.58
N TYR A 174 11.86 -10.42 9.60
CA TYR A 174 12.47 -11.15 8.49
C TYR A 174 12.07 -12.63 8.49
N GLN A 175 12.17 -13.24 7.32
CA GLN A 175 11.86 -14.65 7.24
C GLN A 175 12.48 -15.30 6.01
N GLN A 176 12.73 -16.60 6.16
CA GLN A 176 13.39 -17.38 5.13
C GLN A 176 12.36 -17.63 4.04
N GLU A 177 12.78 -17.45 2.79
CA GLU A 177 11.94 -17.68 1.64
C GLU A 177 12.78 -18.44 0.64
N GLY A 178 12.61 -19.77 0.66
CA GLY A 178 13.43 -20.66 -0.12
C GLY A 178 14.88 -20.49 0.31
N ASP A 179 15.68 -19.98 -0.63
CA ASP A 179 17.12 -19.94 -0.51
C ASP A 179 17.60 -18.58 0.02
N ARG A 180 16.70 -17.65 0.34
CA ARG A 180 17.12 -16.33 0.81
C ARG A 180 16.42 -15.98 2.12
N LEU A 181 17.11 -15.24 2.98
CA LEU A 181 16.55 -14.68 4.18
C LEU A 181 16.11 -13.25 3.82
N LEU A 182 14.82 -12.94 3.92
CA LEU A 182 14.28 -11.70 3.36
C LEU A 182 13.69 -10.81 4.45
N LEU A 183 14.16 -9.56 4.44
CA LEU A 183 13.68 -8.51 5.35
C LEU A 183 12.73 -7.61 4.58
N PRO A 184 11.43 -7.56 4.93
CA PRO A 184 10.54 -6.57 4.30
C PRO A 184 10.89 -5.16 4.74
N LEU A 185 10.91 -4.24 3.77
CA LEU A 185 11.25 -2.85 4.03
C LEU A 185 10.36 -1.95 3.18
N SER A 186 9.58 -1.11 3.86
CA SER A 186 8.77 -0.10 3.19
C SER A 186 9.50 1.23 3.22
N VAL A 187 9.49 1.94 2.07
CA VAL A 187 10.05 3.28 1.97
C VAL A 187 8.93 4.19 1.48
N GLN A 188 8.71 5.29 2.20
CA GLN A 188 7.64 6.22 1.89
C GLN A 188 8.20 7.63 1.74
N VAL A 189 7.94 8.24 0.57
CA VAL A 189 8.56 9.51 0.19
C VAL A 189 7.49 10.45 -0.38
N HIS A 190 7.91 11.72 -0.52
CA HIS A 190 7.13 12.73 -1.19
C HIS A 190 7.59 12.87 -2.64
N HIS A 191 6.66 12.85 -3.61
CA HIS A 191 7.06 12.87 -5.02
C HIS A 191 7.69 14.19 -5.43
N ALA A 192 7.51 15.25 -4.67
CA ALA A 192 8.18 16.51 -5.02
C ALA A 192 9.69 16.37 -5.05
N VAL A 193 10.27 15.51 -4.20
CA VAL A 193 11.72 15.39 -4.07
C VAL A 193 12.27 14.03 -4.54
N CYS A 194 11.40 13.01 -4.63
CA CYS A 194 11.82 11.66 -4.99
CA CYS A 194 11.80 11.65 -4.96
C CYS A 194 10.89 11.08 -6.06
N ASP A 195 11.49 10.59 -7.15
CA ASP A 195 10.78 9.78 -8.11
C ASP A 195 11.09 8.32 -7.84
N GLY A 196 10.49 7.43 -8.65
CA GLY A 196 10.78 6.02 -8.57
C GLY A 196 12.26 5.69 -8.69
N PHE A 197 12.96 6.37 -9.58
CA PHE A 197 14.38 6.17 -9.73
C PHE A 197 15.16 6.42 -8.45
N HIS A 198 14.84 7.48 -7.68
CA HIS A 198 15.60 7.79 -6.48
C HIS A 198 15.32 6.77 -5.39
N VAL A 199 14.07 6.29 -5.28
CA VAL A 199 13.75 5.29 -4.27
C VAL A 199 14.44 3.96 -4.60
N ALA A 200 14.41 3.56 -5.86
CA ALA A 200 15.10 2.35 -6.30
C ALA A 200 16.60 2.46 -6.00
N ARG A 201 17.17 3.64 -6.31
CA ARG A 201 18.59 3.85 -6.06
C ARG A 201 18.95 3.64 -4.60
N PHE A 202 18.13 4.21 -3.71
CA PHE A 202 18.26 4.05 -2.28
C PHE A 202 18.18 2.56 -1.88
N ILE A 203 17.14 1.85 -2.31
CA ILE A 203 16.98 0.44 -1.92
C ILE A 203 18.18 -0.39 -2.41
N ASN A 204 18.56 -0.19 -3.69
CA ASN A 204 19.62 -0.96 -4.30
C ASN A 204 20.92 -0.65 -3.55
N ARG A 205 21.11 0.59 -3.09
CA ARG A 205 22.32 0.92 -2.36
C ARG A 205 22.31 0.23 -1.00
N LEU A 206 21.14 0.26 -0.31
CA LEU A 206 21.05 -0.43 0.95
C LEU A 206 21.34 -1.92 0.76
N GLN A 207 20.80 -2.56 -0.30
CA GLN A 207 21.07 -3.96 -0.55
C GLN A 207 22.59 -4.19 -0.70
N GLU A 208 23.29 -3.31 -1.42
CA GLU A 208 24.74 -3.41 -1.57
C GLU A 208 25.45 -3.33 -0.21
N LEU A 209 25.06 -2.36 0.62
CA LEU A 209 25.61 -2.20 1.96
C LEU A 209 25.39 -3.47 2.79
N CYS A 210 24.20 -4.09 2.69
CA CYS A 210 23.90 -5.30 3.47
C CYS A 210 24.78 -6.48 3.00
N ASN A 211 25.17 -6.45 1.72
CA ASN A 211 25.98 -7.50 1.13
C ASN A 211 27.48 -7.23 1.28
N SER A 212 27.85 -6.11 1.94
CA SER A 212 29.25 -5.69 2.06
C SER A 212 29.76 -5.87 3.48
N LYS A 213 31.10 -5.97 3.57
CA LYS A 213 31.79 -6.00 4.84
C LYS A 213 31.29 -4.84 5.69
N LEU A 214 31.08 -5.11 6.98
CA LEU A 214 30.53 -4.10 7.89
C LEU A 214 31.61 -3.10 8.28
N LYS A 215 32.86 -3.60 8.33
CA LYS A 215 34.04 -2.87 8.75
C LYS A 215 34.39 -3.36 10.16
N GLY B 3 -25.23 -1.64 20.61
CA GLY B 3 -24.55 -2.40 21.67
C GLY B 3 -24.20 -1.49 22.85
N ASN B 4 -23.58 -2.07 23.87
CA ASN B 4 -23.19 -1.35 25.08
C ASN B 4 -21.74 -0.91 24.93
N TYR B 5 -21.39 0.22 25.53
CA TYR B 5 -20.04 0.72 25.50
C TYR B 5 -19.67 1.29 26.86
N THR B 6 -18.37 1.48 27.05
CA THR B 6 -17.86 2.10 28.26
C THR B 6 -16.93 3.24 27.84
N LYS B 7 -16.96 4.33 28.61
CA LYS B 7 -16.07 5.45 28.40
C LYS B 7 -14.68 5.02 28.82
N PHE B 8 -13.68 5.26 27.97
CA PHE B 8 -12.32 4.81 28.26
C PHE B 8 -11.66 5.86 29.15
N ASP B 9 -10.81 5.37 30.06
CA ASP B 9 -10.08 6.25 30.96
C ASP B 9 -8.76 6.66 30.29
N VAL B 10 -8.81 7.73 29.48
CA VAL B 10 -7.64 8.21 28.75
C VAL B 10 -6.59 8.77 29.71
N LYS B 11 -7.02 9.42 30.79
CA LYS B 11 -6.06 10.02 31.71
C LYS B 11 -5.07 8.99 32.29
N ASN B 12 -5.50 7.74 32.51
CA ASN B 12 -4.68 6.72 33.15
C ASN B 12 -4.16 5.69 32.14
N TRP B 13 -4.38 5.94 30.84
CA TRP B 13 -3.95 5.09 29.75
C TRP B 13 -2.45 5.24 29.52
N VAL B 14 -1.74 4.11 29.42
CA VAL B 14 -0.32 4.13 29.08
C VAL B 14 -0.11 4.83 27.73
N ARG B 15 -1.11 4.82 26.85
CA ARG B 15 -0.96 5.48 25.55
C ARG B 15 -1.60 6.88 25.53
N ARG B 16 -1.86 7.50 26.67
CA ARG B 16 -2.47 8.83 26.67
C ARG B 16 -1.77 9.81 25.73
N GLU B 17 -0.42 9.87 25.80
CA GLU B 17 0.35 10.80 24.97
C GLU B 17 0.22 10.49 23.47
N HIS B 18 0.37 9.19 23.12
CA HIS B 18 0.23 8.72 21.75
C HIS B 18 -1.14 9.05 21.17
N PHE B 19 -2.18 8.88 21.99
CA PHE B 19 -3.54 9.12 21.55
C PHE B 19 -3.72 10.58 21.11
N GLU B 20 -3.33 11.53 21.93
CA GLU B 20 -3.38 12.95 21.55
C GLU B 20 -2.51 13.22 20.32
N PHE B 21 -1.32 12.62 20.25
CA PHE B 21 -0.37 12.88 19.19
C PHE B 21 -0.96 12.46 17.84
N TYR B 22 -1.44 11.21 17.78
CA TYR B 22 -1.90 10.66 16.49
C TYR B 22 -3.35 11.00 16.20
N ARG B 23 -4.09 11.54 17.19
CA ARG B 23 -5.43 12.04 16.90
C ARG B 23 -5.36 13.49 16.41
N HIS B 24 -4.51 14.32 17.05
CA HIS B 24 -4.56 15.75 16.81
C HIS B 24 -3.30 16.33 16.20
N ARG B 25 -2.10 15.90 16.61
CA ARG B 25 -0.90 16.55 16.10
C ARG B 25 -0.49 16.02 14.75
N LEU B 26 -0.51 14.68 14.60
N LEU B 26 -0.44 14.67 14.59
CA LEU B 26 -0.09 14.00 13.39
CA LEU B 26 -0.06 14.01 13.34
C LEU B 26 -1.13 12.94 13.07
C LEU B 26 -1.11 12.95 13.02
N PRO B 27 -2.34 13.34 12.61
CA PRO B 27 -3.39 12.36 12.32
C PRO B 27 -2.97 11.45 11.18
N CYS B 28 -2.99 10.14 11.44
CA CYS B 28 -2.58 9.17 10.47
C CYS B 28 -3.05 7.79 10.89
N GLY B 29 -3.08 6.89 9.90
CA GLY B 29 -3.22 5.48 10.16
C GLY B 29 -2.27 4.71 9.26
N PHE B 30 -2.36 3.39 9.32
CA PHE B 30 -1.55 2.62 8.41
C PHE B 30 -2.28 1.36 8.01
N SER B 31 -1.83 0.80 6.86
CA SER B 31 -2.20 -0.54 6.46
C SER B 31 -0.96 -1.43 6.38
N LEU B 32 -1.20 -2.72 6.59
CA LEU B 32 -0.19 -3.70 6.28
C LEU B 32 -0.83 -4.98 5.79
N THR B 33 -0.15 -5.64 4.84
CA THR B 33 -0.65 -6.87 4.27
C THR B 33 0.32 -8.00 4.63
N SER B 34 -0.23 -9.06 5.22
CA SER B 34 0.53 -10.18 5.75
C SER B 34 -0.11 -11.45 5.22
N LYS B 35 0.67 -12.54 5.10
CA LYS B 35 0.06 -13.78 4.66
C LYS B 35 -0.23 -14.64 5.89
N ILE B 36 -1.47 -15.14 5.97
CA ILE B 36 -1.90 -16.05 7.03
C ILE B 36 -1.70 -17.45 6.48
N ASP B 37 -1.10 -18.33 7.30
CA ASP B 37 -1.02 -19.73 6.95
C ASP B 37 -2.35 -20.41 7.25
N ILE B 38 -3.08 -20.80 6.20
CA ILE B 38 -4.39 -21.43 6.34
C ILE B 38 -4.33 -22.92 5.98
N THR B 39 -3.14 -23.52 5.95
CA THR B 39 -3.02 -24.94 5.69
C THR B 39 -3.86 -25.76 6.66
N THR B 40 -3.72 -25.49 7.97
CA THR B 40 -4.45 -26.26 8.97
C THR B 40 -5.96 -25.95 8.92
N LEU B 41 -6.30 -24.67 8.76
CA LEU B 41 -7.71 -24.31 8.67
C LEU B 41 -8.41 -25.00 7.49
N LYS B 42 -7.79 -25.00 6.29
CA LYS B 42 -8.43 -25.54 5.10
C LYS B 42 -8.68 -27.03 5.32
N LYS B 43 -7.72 -27.69 5.99
CA LYS B 43 -7.85 -29.11 6.32
C LYS B 43 -9.00 -29.32 7.31
N SER B 44 -9.07 -28.48 8.35
CA SER B 44 -10.17 -28.51 9.31
C SER B 44 -11.51 -28.32 8.60
N LEU B 45 -11.55 -27.35 7.67
CA LEU B 45 -12.80 -27.04 6.99
C LEU B 45 -13.28 -28.18 6.11
N ASP B 46 -12.38 -29.07 5.68
CA ASP B 46 -12.78 -30.23 4.88
C ASP B 46 -13.84 -31.08 5.58
N ASP B 47 -13.87 -31.06 6.91
CA ASP B 47 -14.78 -31.91 7.68
C ASP B 47 -15.92 -31.11 8.28
N SER B 48 -15.99 -29.81 7.96
CA SER B 48 -16.87 -28.90 8.66
C SER B 48 -18.18 -28.77 7.90
N ALA B 49 -19.24 -28.49 8.66
CA ALA B 49 -20.52 -28.08 8.06
C ALA B 49 -20.43 -26.65 7.53
N TYR B 50 -19.38 -25.90 7.92
CA TYR B 50 -19.34 -24.47 7.65
C TYR B 50 -18.36 -24.12 6.53
N LYS B 51 -18.60 -22.96 5.93
CA LYS B 51 -17.88 -22.53 4.73
C LYS B 51 -16.73 -21.60 5.11
N PHE B 52 -15.77 -21.51 4.19
CA PHE B 52 -14.53 -20.78 4.41
C PHE B 52 -14.79 -19.31 4.80
N TYR B 53 -15.58 -18.58 4.02
CA TYR B 53 -15.73 -17.14 4.24
C TYR B 53 -16.39 -16.88 5.58
N PRO B 54 -17.57 -17.48 5.94
CA PRO B 54 -18.12 -17.21 7.27
C PRO B 54 -17.23 -17.68 8.41
N VAL B 55 -16.45 -18.76 8.21
CA VAL B 55 -15.52 -19.10 9.25
C VAL B 55 -14.44 -18.03 9.40
N MET B 56 -13.94 -17.48 8.29
CA MET B 56 -12.92 -16.44 8.41
C MET B 56 -13.51 -15.21 9.10
N ILE B 57 -14.76 -14.85 8.79
CA ILE B 57 -15.42 -13.72 9.42
C ILE B 57 -15.46 -13.94 10.93
N TYR B 58 -15.91 -15.13 11.31
CA TYR B 58 -16.02 -15.49 12.71
C TYR B 58 -14.65 -15.36 13.40
N LEU B 59 -13.58 -15.93 12.82
CA LEU B 59 -12.26 -15.92 13.44
C LEU B 59 -11.67 -14.50 13.50
N ILE B 60 -11.87 -13.72 12.44
CA ILE B 60 -11.43 -12.32 12.43
C ILE B 60 -12.17 -11.56 13.54
N ALA B 61 -13.49 -11.73 13.59
CA ALA B 61 -14.30 -11.06 14.61
C ALA B 61 -13.90 -11.51 16.01
N GLN B 62 -13.55 -12.80 16.19
CA GLN B 62 -13.15 -13.26 17.51
C GLN B 62 -11.84 -12.59 17.93
N ALA B 63 -10.84 -12.52 17.05
CA ALA B 63 -9.54 -11.89 17.30
C ALA B 63 -9.73 -10.39 17.61
N VAL B 64 -10.59 -9.69 16.84
CA VAL B 64 -10.88 -8.28 17.09
C VAL B 64 -11.53 -8.09 18.48
N ASN B 65 -12.47 -8.97 18.84
CA ASN B 65 -13.24 -8.88 20.07
C ASN B 65 -12.35 -9.13 21.30
N GLN B 66 -11.14 -9.70 21.12
CA GLN B 66 -10.25 -9.97 22.23
C GLN B 66 -9.53 -8.71 22.73
N PHE B 67 -9.45 -7.66 21.91
CA PHE B 67 -8.52 -6.56 22.14
C PHE B 67 -9.26 -5.21 22.14
N ASP B 68 -9.23 -4.52 23.30
CA ASP B 68 -9.95 -3.27 23.46
C ASP B 68 -9.60 -2.23 22.38
N GLU B 69 -8.34 -2.15 21.99
N GLU B 69 -8.32 -2.18 22.01
CA GLU B 69 -7.90 -1.12 21.07
CA GLU B 69 -7.78 -1.21 21.05
C GLU B 69 -8.44 -1.33 19.66
C GLU B 69 -8.37 -1.37 19.65
N LEU B 70 -9.01 -2.52 19.37
CA LEU B 70 -9.65 -2.78 18.09
C LEU B 70 -11.16 -2.61 18.16
N ARG B 71 -11.70 -2.13 19.30
CA ARG B 71 -13.13 -1.88 19.47
C ARG B 71 -13.40 -0.43 19.91
N MET B 72 -12.49 0.49 19.54
CA MET B 72 -12.58 1.87 19.98
C MET B 72 -13.32 2.75 18.96
N ALA B 73 -13.88 3.83 19.50
CA ALA B 73 -14.60 4.81 18.71
C ALA B 73 -14.65 6.12 19.48
N ILE B 74 -15.04 7.19 18.78
CA ILE B 74 -15.36 8.45 19.39
C ILE B 74 -16.87 8.52 19.42
N LYS B 75 -17.43 8.73 20.60
CA LYS B 75 -18.87 8.96 20.71
C LYS B 75 -19.05 10.19 21.61
N ASP B 76 -19.77 11.19 21.09
CA ASP B 76 -20.00 12.41 21.84
C ASP B 76 -18.66 13.05 22.18
N ASP B 77 -17.78 13.03 21.17
CA ASP B 77 -16.42 13.54 21.20
C ASP B 77 -15.63 13.01 22.41
N GLU B 78 -15.88 11.75 22.86
CA GLU B 78 -15.03 11.09 23.85
C GLU B 78 -14.65 9.70 23.36
N LEU B 79 -13.49 9.17 23.82
CA LEU B 79 -13.09 7.83 23.46
C LEU B 79 -13.93 6.80 24.21
N ILE B 80 -14.52 5.84 23.47
CA ILE B 80 -15.23 4.71 24.07
C ILE B 80 -14.65 3.41 23.55
N VAL B 81 -14.98 2.33 24.25
CA VAL B 81 -14.75 0.94 23.85
C VAL B 81 -16.10 0.21 23.81
N TRP B 82 -16.44 -0.37 22.66
CA TRP B 82 -17.59 -1.25 22.55
C TRP B 82 -17.29 -2.54 23.31
N ASP B 83 -18.28 -3.00 24.08
CA ASP B 83 -18.15 -4.26 24.80
C ASP B 83 -17.83 -5.37 23.80
N SER B 84 -18.49 -5.30 22.63
N SER B 84 -18.51 -5.33 22.66
CA SER B 84 -18.38 -6.29 21.56
CA SER B 84 -18.21 -6.23 21.55
C SER B 84 -18.70 -5.61 20.22
C SER B 84 -18.57 -5.51 20.25
N VAL B 85 -18.02 -6.01 19.14
CA VAL B 85 -18.29 -5.46 17.83
C VAL B 85 -18.77 -6.58 16.93
N ASP B 86 -19.68 -6.23 16.04
CA ASP B 86 -20.27 -7.15 15.08
C ASP B 86 -19.59 -6.99 13.72
N PRO B 87 -19.33 -8.08 12.99
CA PRO B 87 -18.75 -7.95 11.67
C PRO B 87 -19.77 -7.44 10.67
N GLN B 88 -19.32 -6.46 9.87
CA GLN B 88 -19.97 -6.08 8.65
C GLN B 88 -19.11 -6.63 7.51
N PHE B 89 -19.69 -7.49 6.68
CA PHE B 89 -18.95 -8.21 5.66
C PHE B 89 -19.60 -7.94 4.29
N THR B 90 -18.80 -8.04 3.24
CA THR B 90 -19.37 -7.88 1.90
C THR B 90 -19.76 -9.22 1.29
N VAL B 91 -20.88 -9.21 0.56
CA VAL B 91 -21.40 -10.38 -0.14
C VAL B 91 -21.55 -10.01 -1.62
N PHE B 92 -21.25 -10.96 -2.49
CA PHE B 92 -21.27 -10.71 -3.92
C PHE B 92 -22.58 -11.22 -4.53
N HIS B 93 -23.08 -10.49 -5.53
CA HIS B 93 -24.24 -10.89 -6.33
C HIS B 93 -23.79 -11.19 -7.75
N GLN B 94 -23.81 -12.49 -8.08
CA GLN B 94 -23.26 -12.98 -9.31
C GLN B 94 -24.05 -12.42 -10.48
N GLU B 95 -25.36 -12.24 -10.31
CA GLU B 95 -26.23 -11.86 -11.42
C GLU B 95 -25.93 -10.44 -11.89
N THR B 96 -25.58 -9.55 -10.95
CA THR B 96 -25.36 -8.13 -11.25
C THR B 96 -23.89 -7.71 -11.19
N GLU B 97 -23.01 -8.57 -10.66
CA GLU B 97 -21.59 -8.29 -10.43
C GLU B 97 -21.43 -7.06 -9.53
N THR B 98 -22.29 -6.98 -8.50
CA THR B 98 -22.25 -5.95 -7.48
C THR B 98 -22.20 -6.61 -6.11
N PHE B 99 -21.85 -5.83 -5.09
CA PHE B 99 -21.80 -6.34 -3.73
C PHE B 99 -22.72 -5.53 -2.83
N SER B 100 -22.95 -6.12 -1.67
CA SER B 100 -23.66 -5.48 -0.56
C SER B 100 -22.83 -5.69 0.71
N ALA B 101 -23.13 -4.90 1.73
CA ALA B 101 -22.60 -5.06 3.07
C ALA B 101 -23.72 -5.55 3.99
N LEU B 102 -23.46 -6.68 4.65
CA LEU B 102 -24.35 -7.22 5.67
C LEU B 102 -23.64 -7.29 7.02
N SER B 103 -24.39 -7.28 8.11
CA SER B 103 -23.82 -7.52 9.41
C SER B 103 -24.60 -8.61 10.14
N CYS B 104 -23.94 -9.29 11.06
CA CYS B 104 -24.72 -10.11 11.96
C CYS B 104 -24.12 -10.11 13.35
N PRO B 105 -24.94 -10.42 14.38
CA PRO B 105 -24.43 -10.44 15.74
C PRO B 105 -23.28 -11.42 15.91
N TYR B 106 -22.23 -10.92 16.56
CA TYR B 106 -21.10 -11.73 16.96
C TYR B 106 -21.50 -12.67 18.09
N SER B 107 -21.03 -13.90 18.05
CA SER B 107 -21.06 -14.80 19.19
C SER B 107 -19.70 -15.50 19.25
N SER B 108 -19.17 -15.70 20.46
CA SER B 108 -17.96 -16.50 20.66
C SER B 108 -18.18 -17.98 20.34
N ASP B 109 -19.44 -18.44 20.35
N ASP B 109 -19.43 -18.43 20.41
CA ASP B 109 -19.81 -19.80 20.05
CA ASP B 109 -19.82 -19.78 20.02
C ASP B 109 -20.04 -19.94 18.54
C ASP B 109 -19.97 -19.85 18.51
N ILE B 110 -19.15 -20.68 17.87
CA ILE B 110 -19.21 -20.78 16.41
C ILE B 110 -20.60 -21.21 15.94
N ASP B 111 -21.27 -22.14 16.64
CA ASP B 111 -22.54 -22.63 16.15
C ASP B 111 -23.59 -21.51 16.16
N GLN B 112 -23.59 -20.70 17.23
CA GLN B 112 -24.52 -19.59 17.37
C GLN B 112 -24.20 -18.51 16.34
N PHE B 113 -22.90 -18.25 16.11
CA PHE B 113 -22.50 -17.33 15.07
C PHE B 113 -23.09 -17.76 13.73
N MET B 114 -22.94 -19.05 13.39
CA MET B 114 -23.37 -19.55 12.10
C MET B 114 -24.89 -19.51 11.96
N VAL B 115 -25.63 -19.72 13.07
CA VAL B 115 -27.08 -19.54 13.05
C VAL B 115 -27.41 -18.09 12.67
N ASN B 116 -26.71 -17.14 13.29
CA ASN B 116 -26.92 -15.72 13.08
C ASN B 116 -26.59 -15.35 11.64
N TYR B 117 -25.45 -15.85 11.15
CA TYR B 117 -24.97 -15.56 9.80
C TYR B 117 -25.97 -16.11 8.78
N LEU B 118 -26.42 -17.35 8.97
CA LEU B 118 -27.30 -17.99 7.98
C LEU B 118 -28.65 -17.27 7.92
N SER B 119 -29.12 -16.81 9.08
CA SER B 119 -30.37 -16.06 9.18
C SER B 119 -30.32 -14.76 8.37
N VAL B 120 -29.24 -14.00 8.56
CA VAL B 120 -29.05 -12.78 7.79
C VAL B 120 -28.91 -13.08 6.31
N MET B 121 -28.19 -14.13 5.94
CA MET B 121 -28.02 -14.45 4.54
C MET B 121 -29.38 -14.86 3.96
N GLU B 122 -30.18 -15.62 4.71
CA GLU B 122 -31.44 -16.10 4.17
C GLU B 122 -32.33 -14.90 3.84
N ARG B 123 -32.29 -13.88 4.69
CA ARG B 123 -33.22 -12.78 4.58
C ARG B 123 -32.73 -11.80 3.52
N TYR B 124 -31.40 -11.63 3.37
CA TYR B 124 -30.89 -10.44 2.70
C TYR B 124 -29.91 -10.73 1.57
N LYS B 125 -29.54 -11.99 1.33
CA LYS B 125 -28.44 -12.27 0.43
C LYS B 125 -28.77 -11.85 -1.01
N SER B 126 -30.06 -11.79 -1.38
CA SER B 126 -30.40 -11.47 -2.77
C SER B 126 -30.74 -9.99 -2.98
N ASP B 127 -30.70 -9.19 -1.91
CA ASP B 127 -31.01 -7.76 -1.96
C ASP B 127 -29.77 -7.03 -2.48
N THR B 128 -29.91 -6.31 -3.59
CA THR B 128 -28.79 -5.64 -4.23
C THR B 128 -28.58 -4.24 -3.63
N LYS B 129 -29.38 -3.80 -2.64
CA LYS B 129 -29.07 -2.55 -1.94
C LYS B 129 -27.69 -2.67 -1.31
N LEU B 130 -26.96 -1.54 -1.22
CA LEU B 130 -25.63 -1.55 -0.63
C LEU B 130 -25.72 -1.96 0.84
N PHE B 131 -26.75 -1.46 1.57
CA PHE B 131 -26.96 -1.78 2.96
C PHE B 131 -28.39 -2.29 3.17
N PRO B 132 -28.66 -3.57 2.82
CA PRO B 132 -30.02 -4.14 2.92
C PRO B 132 -30.64 -4.03 4.31
N GLN B 133 -29.82 -4.04 5.36
CA GLN B 133 -30.34 -3.96 6.72
C GLN B 133 -30.54 -2.51 7.19
N GLY B 134 -30.16 -1.52 6.39
CA GLY B 134 -30.19 -0.14 6.87
C GLY B 134 -28.82 0.24 7.41
N VAL B 135 -28.74 1.20 8.32
CA VAL B 135 -27.46 1.76 8.72
C VAL B 135 -26.61 0.70 9.44
N THR B 136 -25.31 0.71 9.13
CA THR B 136 -24.31 -0.11 9.79
C THR B 136 -24.42 0.05 11.32
N PRO B 137 -24.43 -1.04 12.13
CA PRO B 137 -24.49 -0.90 13.60
C PRO B 137 -23.26 -0.10 14.01
N GLU B 138 -23.37 0.66 15.10
CA GLU B 138 -22.28 1.54 15.50
C GLU B 138 -21.07 0.70 15.92
N ASN B 139 -21.32 -0.49 16.47
CA ASN B 139 -20.28 -1.34 17.02
C ASN B 139 -19.90 -2.39 15.97
N HIS B 140 -19.03 -2.01 15.04
CA HIS B 140 -18.76 -2.81 13.85
C HIS B 140 -17.26 -2.96 13.55
N LEU B 141 -16.87 -4.04 12.86
N LEU B 141 -17.06 -3.81 12.53
CA LEU B 141 -15.63 -4.04 12.09
CA LEU B 141 -15.78 -4.30 12.07
C LEU B 141 -16.05 -4.25 10.63
C LEU B 141 -15.91 -4.58 10.58
N ASN B 142 -15.14 -3.92 9.70
CA ASN B 142 -15.36 -4.16 8.29
C ASN B 142 -14.47 -5.30 7.79
N ILE B 143 -15.09 -6.26 7.10
CA ILE B 143 -14.40 -7.38 6.47
C ILE B 143 -14.84 -7.49 5.02
N SER B 144 -13.87 -7.57 4.10
CA SER B 144 -14.21 -7.79 2.72
C SER B 144 -13.29 -8.88 2.13
N ALA B 145 -13.82 -9.66 1.21
CA ALA B 145 -12.99 -10.59 0.44
C ALA B 145 -12.89 -10.14 -1.01
N LEU B 146 -11.70 -10.28 -1.59
CA LEU B 146 -11.49 -10.18 -3.05
CA LEU B 146 -11.46 -10.15 -3.02
C LEU B 146 -10.99 -11.52 -3.52
N PRO B 147 -11.88 -12.51 -3.65
CA PRO B 147 -11.43 -13.88 -3.88
C PRO B 147 -10.96 -14.20 -5.31
N TRP B 148 -11.08 -13.24 -6.24
CA TRP B 148 -10.81 -13.47 -7.64
C TRP B 148 -9.36 -13.22 -8.05
N VAL B 149 -8.56 -12.59 -7.17
CA VAL B 149 -7.17 -12.33 -7.51
C VAL B 149 -6.33 -12.36 -6.24
N ASN B 150 -5.11 -12.90 -6.36
CA ASN B 150 -4.11 -12.92 -5.33
C ASN B 150 -3.45 -11.54 -5.33
N PHE B 151 -3.31 -10.95 -4.15
CA PHE B 151 -2.55 -9.72 -4.04
C PHE B 151 -1.53 -9.92 -2.95
N ASP B 152 -0.49 -9.09 -3.00
CA ASP B 152 0.47 -9.02 -1.92
C ASP B 152 0.31 -7.74 -1.11
N SER B 153 -0.40 -6.75 -1.68
N SER B 153 -0.44 -6.77 -1.64
CA SER B 153 -0.67 -5.45 -1.10
CA SER B 153 -0.64 -5.47 -1.02
C SER B 153 -2.12 -5.06 -1.35
C SER B 153 -2.01 -4.92 -1.38
N PHE B 154 -2.69 -4.38 -0.36
CA PHE B 154 -3.96 -3.70 -0.54
C PHE B 154 -3.99 -2.52 0.42
N ASN B 155 -4.35 -1.33 -0.07
CA ASN B 155 -4.44 -0.14 0.78
C ASN B 155 -5.65 0.67 0.36
N LEU B 156 -6.46 1.09 1.34
CA LEU B 156 -7.53 2.04 1.06
C LEU B 156 -7.05 3.46 1.27
N ASN B 157 -7.29 4.29 0.25
CA ASN B 157 -7.00 5.72 0.28
C ASN B 157 -8.29 6.48 0.55
N VAL B 158 -8.49 6.85 1.82
CA VAL B 158 -9.74 7.40 2.31
C VAL B 158 -9.52 8.90 2.44
N ALA B 159 -10.39 9.69 1.79
CA ALA B 159 -10.20 11.14 1.78
C ALA B 159 -10.29 11.76 3.18
N ASN B 160 -11.21 11.25 4.03
CA ASN B 160 -11.37 11.79 5.38
C ASN B 160 -11.65 10.64 6.33
N PHE B 161 -10.64 10.28 7.12
CA PHE B 161 -10.75 9.18 8.09
C PHE B 161 -10.79 9.70 9.52
N THR B 162 -11.16 10.96 9.70
CA THR B 162 -11.07 11.59 11.01
C THR B 162 -11.87 10.80 12.05
N ASP B 163 -11.18 10.39 13.11
CA ASP B 163 -11.77 9.74 14.28
C ASP B 163 -12.41 8.39 13.96
N TYR B 164 -12.05 7.75 12.83
CA TYR B 164 -12.61 6.46 12.47
C TYR B 164 -11.62 5.37 12.86
N PHE B 165 -11.96 4.61 13.92
CA PHE B 165 -10.99 3.76 14.59
C PHE B 165 -11.27 2.27 14.40
N ALA B 166 -12.39 1.91 13.76
CA ALA B 166 -12.72 0.50 13.53
C ALA B 166 -11.76 -0.11 12.50
N PRO B 167 -11.17 -1.30 12.76
CA PRO B 167 -10.25 -1.92 11.82
C PRO B 167 -10.94 -2.31 10.52
N ILE B 168 -10.20 -2.23 9.42
CA ILE B 168 -10.70 -2.62 8.11
C ILE B 168 -9.84 -3.79 7.65
N ILE B 169 -10.48 -4.94 7.39
CA ILE B 169 -9.79 -6.18 7.05
C ILE B 169 -10.17 -6.62 5.66
N THR B 170 -9.18 -6.91 4.79
CA THR B 170 -9.45 -7.32 3.42
C THR B 170 -8.64 -8.59 3.11
N MET B 171 -9.29 -9.64 2.60
N MET B 171 -9.30 -9.61 2.53
CA MET B 171 -8.54 -10.82 2.18
CA MET B 171 -8.66 -10.88 2.18
C MET B 171 -8.54 -10.93 0.65
C MET B 171 -8.61 -11.06 0.66
N ALA B 172 -7.48 -11.53 0.14
CA ALA B 172 -7.30 -11.84 -1.28
C ALA B 172 -7.57 -13.33 -1.53
N LYS B 173 -7.48 -13.74 -2.78
CA LYS B 173 -7.46 -15.15 -3.16
C LYS B 173 -6.28 -15.88 -2.51
N TYR B 174 -6.54 -17.00 -1.81
CA TYR B 174 -5.46 -17.80 -1.24
C TYR B 174 -4.72 -18.53 -2.36
N GLN B 175 -3.46 -18.84 -2.10
CA GLN B 175 -2.69 -19.63 -3.04
C GLN B 175 -1.57 -20.36 -2.32
N GLN B 176 -1.21 -21.51 -2.89
CA GLN B 176 -0.15 -22.34 -2.34
C GLN B 176 1.21 -21.68 -2.58
N GLU B 177 2.04 -21.71 -1.54
CA GLU B 177 3.41 -21.26 -1.52
C GLU B 177 4.27 -22.31 -0.80
N GLY B 178 5.10 -23.04 -1.57
CA GLY B 178 5.75 -24.24 -1.05
C GLY B 178 4.77 -25.17 -0.35
N ASP B 179 4.99 -25.44 0.95
CA ASP B 179 4.15 -26.42 1.62
C ASP B 179 3.08 -25.76 2.47
N ARG B 180 2.79 -24.47 2.24
CA ARG B 180 1.68 -23.82 2.93
C ARG B 180 0.66 -23.27 1.93
N LEU B 181 -0.62 -23.24 2.35
CA LEU B 181 -1.64 -22.47 1.67
C LEU B 181 -1.72 -21.10 2.35
N LEU B 182 -1.46 -20.01 1.61
CA LEU B 182 -1.35 -18.69 2.23
C LEU B 182 -2.48 -17.76 1.79
N LEU B 183 -3.09 -17.12 2.79
CA LEU B 183 -4.16 -16.16 2.60
C LEU B 183 -3.60 -14.76 2.81
N PRO B 184 -3.55 -13.91 1.76
CA PRO B 184 -3.16 -12.51 1.99
C PRO B 184 -4.26 -11.78 2.75
N LEU B 185 -3.83 -11.06 3.77
CA LEU B 185 -4.78 -10.33 4.59
C LEU B 185 -4.22 -8.94 4.88
N SER B 186 -4.99 -7.93 4.48
CA SER B 186 -4.67 -6.54 4.72
C SER B 186 -5.46 -6.04 5.93
N VAL B 187 -4.75 -5.34 6.83
CA VAL B 187 -5.32 -4.78 8.05
CA VAL B 187 -5.38 -4.77 8.00
C VAL B 187 -5.02 -3.29 8.04
N GLN B 188 -6.06 -2.47 8.17
CA GLN B 188 -5.89 -1.03 8.11
C GLN B 188 -6.53 -0.42 9.36
N VAL B 189 -5.73 0.35 10.08
CA VAL B 189 -6.10 0.92 11.38
C VAL B 189 -5.74 2.42 11.45
N HIS B 190 -6.23 3.07 12.51
CA HIS B 190 -5.88 4.43 12.86
C HIS B 190 -4.80 4.43 13.94
N HIS B 191 -3.74 5.23 13.76
CA HIS B 191 -2.62 5.19 14.68
C HIS B 191 -2.98 5.76 16.06
N ALA B 192 -4.08 6.52 16.17
CA ALA B 192 -4.43 7.03 17.49
C ALA B 192 -4.71 5.91 18.47
N VAL B 193 -5.27 4.79 17.99
CA VAL B 193 -5.64 3.71 18.88
C VAL B 193 -4.79 2.47 18.69
N CYS B 194 -4.08 2.32 17.54
CA CYS B 194 -3.33 1.11 17.24
C CYS B 194 -1.94 1.47 16.78
N ASP B 195 -0.94 0.88 17.44
CA ASP B 195 0.44 0.89 16.99
C ASP B 195 0.75 -0.42 16.26
N GLY B 196 1.97 -0.51 15.72
CA GLY B 196 2.40 -1.70 15.01
C GLY B 196 2.28 -2.94 15.90
N PHE B 197 2.57 -2.78 17.20
CA PHE B 197 2.46 -3.88 18.15
C PHE B 197 1.05 -4.48 18.13
N HIS B 198 0.02 -3.63 18.17
CA HIS B 198 -1.36 -4.10 18.30
C HIS B 198 -1.84 -4.78 17.03
N VAL B 199 -1.34 -4.29 15.87
CA VAL B 199 -1.73 -4.90 14.61
C VAL B 199 -1.04 -6.27 14.50
N ALA B 200 0.24 -6.32 14.91
CA ALA B 200 0.99 -7.58 14.90
C ALA B 200 0.35 -8.60 15.83
N ARG B 201 -0.05 -8.16 17.02
CA ARG B 201 -0.70 -9.04 18.00
C ARG B 201 -2.01 -9.61 17.44
N PHE B 202 -2.78 -8.77 16.76
CA PHE B 202 -4.02 -9.23 16.12
C PHE B 202 -3.73 -10.29 15.06
N ILE B 203 -2.78 -10.03 14.16
CA ILE B 203 -2.53 -10.95 13.08
CA ILE B 203 -2.46 -10.93 13.07
C ILE B 203 -2.05 -12.27 13.66
N ASN B 204 -1.12 -12.23 14.62
CA ASN B 204 -0.61 -13.46 15.22
C ASN B 204 -1.71 -14.23 15.98
N ARG B 205 -2.62 -13.50 16.65
CA ARG B 205 -3.76 -14.16 17.29
C ARG B 205 -4.65 -14.81 16.24
N LEU B 206 -4.89 -14.12 15.12
CA LEU B 206 -5.71 -14.70 14.06
C LEU B 206 -5.07 -15.98 13.51
N GLN B 207 -3.76 -15.95 13.35
CA GLN B 207 -3.00 -17.12 12.92
C GLN B 207 -3.24 -18.29 13.91
N GLU B 208 -3.15 -18.02 15.19
CA GLU B 208 -3.45 -19.03 16.21
C GLU B 208 -4.86 -19.59 16.04
N LEU B 209 -5.85 -18.70 15.87
CA LEU B 209 -7.23 -19.13 15.71
C LEU B 209 -7.43 -19.98 14.44
N CYS B 210 -6.78 -19.60 13.32
CA CYS B 210 -6.89 -20.40 12.08
C CYS B 210 -6.32 -21.81 12.30
N ASN B 211 -5.30 -21.92 13.14
CA ASN B 211 -4.65 -23.19 13.48
C ASN B 211 -5.39 -23.97 14.57
N SER B 212 -6.55 -23.48 15.04
CA SER B 212 -7.29 -24.07 16.16
C SER B 212 -8.37 -25.03 15.65
N LYS B 213 -8.78 -25.98 16.51
CA LYS B 213 -9.92 -26.82 16.23
C LYS B 213 -11.20 -25.97 16.13
N LEU B 214 -12.06 -26.36 15.20
CA LEU B 214 -13.34 -25.70 14.99
C LEU B 214 -14.35 -26.16 16.03
N LYS B 215 -14.16 -27.38 16.57
CA LYS B 215 -15.00 -27.88 17.65
C LYS B 215 -14.24 -28.95 18.45
N GLY C 3 -11.77 12.25 -27.33
CA GLY C 3 -12.47 11.52 -28.40
C GLY C 3 -13.97 11.51 -28.17
N ASN C 4 -14.64 10.44 -28.62
CA ASN C 4 -16.07 10.35 -28.45
C ASN C 4 -16.32 9.72 -27.08
N TYR C 5 -17.41 10.12 -26.45
CA TYR C 5 -17.80 9.56 -25.17
C TYR C 5 -19.32 9.42 -25.15
N THR C 6 -19.81 8.60 -24.23
CA THR C 6 -21.23 8.57 -23.97
C THR C 6 -21.50 9.01 -22.54
N LYS C 7 -22.66 9.67 -22.36
CA LYS C 7 -23.18 10.05 -21.07
C LYS C 7 -23.80 8.84 -20.43
N PHE C 8 -23.30 8.46 -19.26
CA PHE C 8 -23.63 7.15 -18.70
C PHE C 8 -24.97 7.25 -17.97
N ASP C 9 -25.80 6.23 -18.11
CA ASP C 9 -27.10 6.22 -17.43
C ASP C 9 -26.87 5.72 -16.00
N VAL C 10 -26.65 6.65 -15.08
CA VAL C 10 -26.38 6.31 -13.69
C VAL C 10 -27.66 5.83 -13.02
N LYS C 11 -28.82 6.34 -13.47
CA LYS C 11 -30.06 6.01 -12.80
C LYS C 11 -30.44 4.54 -13.03
N ASN C 12 -30.08 3.92 -14.16
CA ASN C 12 -30.40 2.52 -14.39
C ASN C 12 -29.17 1.64 -14.20
N TRP C 13 -28.08 2.18 -13.64
CA TRP C 13 -26.87 1.40 -13.38
C TRP C 13 -27.08 0.52 -12.16
N VAL C 14 -26.58 -0.73 -12.20
CA VAL C 14 -26.61 -1.60 -11.04
C VAL C 14 -25.77 -1.04 -9.88
N ARG C 15 -24.82 -0.14 -10.17
CA ARG C 15 -23.94 0.44 -9.14
C ARG C 15 -24.35 1.88 -8.85
N ARG C 16 -25.57 2.29 -9.21
CA ARG C 16 -26.05 3.62 -8.88
C ARG C 16 -25.74 3.99 -7.43
N GLU C 17 -26.06 3.09 -6.50
N GLU C 17 -26.11 3.13 -6.47
CA GLU C 17 -25.93 3.39 -5.10
CA GLU C 17 -25.91 3.42 -5.06
C GLU C 17 -24.46 3.40 -4.65
C GLU C 17 -24.42 3.47 -4.72
N HIS C 18 -23.65 2.50 -5.22
CA HIS C 18 -22.21 2.44 -4.88
C HIS C 18 -21.49 3.68 -5.36
N PHE C 19 -21.86 4.15 -6.57
CA PHE C 19 -21.25 5.33 -7.16
C PHE C 19 -21.48 6.52 -6.25
N GLU C 20 -22.72 6.75 -5.82
CA GLU C 20 -23.03 7.82 -4.89
C GLU C 20 -22.25 7.67 -3.59
N PHE C 21 -22.24 6.45 -3.01
CA PHE C 21 -21.62 6.20 -1.74
C PHE C 21 -20.13 6.54 -1.79
N TYR C 22 -19.40 5.97 -2.75
CA TYR C 22 -17.94 6.14 -2.75
C TYR C 22 -17.50 7.42 -3.44
N ARG C 23 -18.43 8.12 -4.11
CA ARG C 23 -18.10 9.46 -4.57
C ARG C 23 -18.27 10.50 -3.45
N HIS C 24 -19.35 10.40 -2.66
CA HIS C 24 -19.75 11.46 -1.76
C HIS C 24 -19.82 11.07 -0.29
N ARG C 25 -20.39 9.89 0.05
CA ARG C 25 -20.68 9.55 1.44
C ARG C 25 -19.38 9.09 2.12
N LEU C 26 -18.59 8.28 1.40
N LEU C 26 -18.60 8.25 1.42
CA LEU C 26 -17.32 7.80 1.92
CA LEU C 26 -17.32 7.75 1.91
C LEU C 26 -16.31 7.81 0.77
C LEU C 26 -16.31 7.82 0.76
N PRO C 27 -15.82 9.01 0.38
CA PRO C 27 -14.91 9.12 -0.77
C PRO C 27 -13.60 8.36 -0.54
N CYS C 28 -13.33 7.41 -1.43
CA CYS C 28 -12.12 6.61 -1.27
C CYS C 28 -11.80 5.89 -2.57
N GLY C 29 -10.56 5.44 -2.60
CA GLY C 29 -10.07 4.54 -3.60
C GLY C 29 -9.17 3.49 -2.96
N PHE C 30 -8.65 2.58 -3.77
CA PHE C 30 -7.76 1.56 -3.26
C PHE C 30 -6.67 1.28 -4.30
N SER C 31 -5.53 0.82 -3.78
CA SER C 31 -4.51 0.20 -4.61
C SER C 31 -4.37 -1.27 -4.25
N LEU C 32 -3.95 -2.05 -5.25
CA LEU C 32 -3.59 -3.42 -4.96
C LEU C 32 -2.47 -3.84 -5.89
N THR C 33 -1.52 -4.58 -5.34
CA THR C 33 -0.36 -5.01 -6.09
C THR C 33 -0.37 -6.55 -6.15
N SER C 34 -0.20 -7.06 -7.37
CA SER C 34 -0.30 -8.45 -7.72
C SER C 34 0.90 -8.79 -8.61
N LYS C 35 1.21 -10.09 -8.76
CA LYS C 35 2.26 -10.51 -9.68
C LYS C 35 1.62 -11.07 -10.94
N ILE C 36 2.11 -10.61 -12.10
CA ILE C 36 1.74 -11.16 -13.41
C ILE C 36 2.84 -12.13 -13.82
N ASP C 37 2.44 -13.32 -14.26
CA ASP C 37 3.38 -14.31 -14.79
C ASP C 37 3.60 -13.97 -16.27
N ILE C 38 4.80 -13.48 -16.54
CA ILE C 38 5.23 -13.07 -17.87
C ILE C 38 6.22 -14.07 -18.46
N THR C 39 6.15 -15.32 -17.99
CA THR C 39 6.99 -16.37 -18.59
C THR C 39 6.69 -16.55 -20.08
N THR C 40 5.41 -16.69 -20.43
CA THR C 40 5.00 -16.89 -21.81
C THR C 40 5.25 -15.62 -22.63
N LEU C 41 4.91 -14.45 -22.06
CA LEU C 41 5.13 -13.23 -22.79
C LEU C 41 6.61 -13.04 -23.15
N LYS C 42 7.51 -13.32 -22.20
CA LYS C 42 8.94 -13.15 -22.39
C LYS C 42 9.44 -14.00 -23.56
N LYS C 43 8.92 -15.24 -23.66
CA LYS C 43 9.23 -16.11 -24.79
C LYS C 43 8.67 -15.55 -26.10
N SER C 44 7.47 -14.96 -26.03
CA SER C 44 6.83 -14.34 -27.19
C SER C 44 7.71 -13.22 -27.74
N LEU C 45 8.37 -12.47 -26.84
CA LEU C 45 9.14 -11.29 -27.21
C LEU C 45 10.52 -11.66 -27.76
N ASP C 46 10.98 -12.90 -27.49
CA ASP C 46 12.26 -13.35 -28.00
C ASP C 46 12.17 -13.54 -29.52
N ASP C 47 10.95 -13.61 -30.10
CA ASP C 47 10.75 -13.66 -31.56
C ASP C 47 10.04 -12.43 -32.10
N SER C 48 10.31 -11.27 -31.50
CA SER C 48 9.62 -10.04 -31.84
C SER C 48 10.67 -8.94 -31.94
N ALA C 49 10.41 -7.93 -32.77
CA ALA C 49 11.18 -6.68 -32.79
C ALA C 49 10.72 -5.72 -31.67
N TYR C 50 9.55 -6.01 -31.07
CA TYR C 50 8.91 -5.12 -30.10
C TYR C 50 9.53 -5.31 -28.71
N LYS C 51 9.69 -4.21 -27.99
CA LYS C 51 10.36 -4.19 -26.71
C LYS C 51 9.34 -4.38 -25.59
N PHE C 52 9.84 -4.80 -24.45
CA PHE C 52 8.99 -5.18 -23.31
C PHE C 52 8.07 -4.03 -22.89
N TYR C 53 8.61 -2.83 -22.72
CA TYR C 53 7.81 -1.75 -22.15
C TYR C 53 6.63 -1.39 -23.04
N PRO C 54 6.83 -1.07 -24.34
CA PRO C 54 5.68 -0.78 -25.19
C PRO C 54 4.69 -1.93 -25.36
N VAL C 55 5.19 -3.18 -25.31
CA VAL C 55 4.24 -4.28 -25.37
C VAL C 55 3.36 -4.31 -24.12
N MET C 56 3.96 -4.06 -22.95
CA MET C 56 3.18 -4.00 -21.73
C MET C 56 2.19 -2.83 -21.78
N ILE C 57 2.62 -1.69 -22.31
CA ILE C 57 1.72 -0.54 -22.48
C ILE C 57 0.53 -0.95 -23.34
N TYR C 58 0.82 -1.56 -24.49
CA TYR C 58 -0.20 -2.06 -25.39
C TYR C 58 -1.21 -2.99 -24.67
N LEU C 59 -0.70 -4.01 -23.97
CA LEU C 59 -1.55 -5.02 -23.38
C LEU C 59 -2.38 -4.44 -22.22
N ILE C 60 -1.77 -3.54 -21.44
CA ILE C 60 -2.50 -2.87 -20.37
C ILE C 60 -3.61 -1.99 -20.96
N ALA C 61 -3.29 -1.21 -22.00
CA ALA C 61 -4.27 -0.36 -22.66
C ALA C 61 -5.35 -1.20 -23.30
N GLN C 62 -4.97 -2.38 -23.85
CA GLN C 62 -5.96 -3.26 -24.45
C GLN C 62 -6.95 -3.75 -23.40
N ALA C 63 -6.47 -4.18 -22.24
CA ALA C 63 -7.35 -4.65 -21.18
C ALA C 63 -8.26 -3.52 -20.67
N VAL C 64 -7.71 -2.30 -20.47
CA VAL C 64 -8.52 -1.18 -20.02
C VAL C 64 -9.62 -0.84 -21.03
N ASN C 65 -9.27 -0.90 -22.31
CA ASN C 65 -10.19 -0.56 -23.37
C ASN C 65 -11.29 -1.59 -23.53
N GLN C 66 -11.22 -2.71 -22.81
CA GLN C 66 -12.27 -3.72 -22.88
C GLN C 66 -13.38 -3.42 -21.87
N PHE C 67 -13.09 -2.62 -20.83
CA PHE C 67 -14.02 -2.47 -19.71
C PHE C 67 -14.42 -1.02 -19.47
N ASP C 68 -15.74 -0.75 -19.52
CA ASP C 68 -16.27 0.60 -19.41
C ASP C 68 -15.90 1.29 -18.10
N GLU C 69 -15.89 0.54 -17.01
CA GLU C 69 -15.63 1.12 -15.70
C GLU C 69 -14.18 1.57 -15.53
N LEU C 70 -13.27 1.23 -16.47
CA LEU C 70 -11.90 1.69 -16.41
C LEU C 70 -11.67 2.89 -17.34
N ARG C 71 -12.76 3.40 -17.96
CA ARG C 71 -12.70 4.50 -18.94
C ARG C 71 -13.69 5.58 -18.54
N MET C 72 -13.94 5.70 -17.25
CA MET C 72 -14.91 6.65 -16.75
C MET C 72 -14.26 7.96 -16.31
N ALA C 73 -15.10 9.01 -16.30
CA ALA C 73 -14.69 10.36 -15.94
C ALA C 73 -15.93 11.19 -15.61
N ILE C 74 -15.69 12.35 -14.99
CA ILE C 74 -16.68 13.42 -14.86
C ILE C 74 -16.35 14.45 -15.94
N LYS C 75 -17.36 14.77 -16.75
CA LYS C 75 -17.27 15.80 -17.77
C LYS C 75 -18.61 16.54 -17.82
N ASP C 76 -18.54 17.88 -17.75
CA ASP C 76 -19.72 18.75 -17.66
C ASP C 76 -20.59 18.32 -16.49
N ASP C 77 -19.91 17.99 -15.38
CA ASP C 77 -20.49 17.52 -14.13
C ASP C 77 -21.38 16.28 -14.29
N GLU C 78 -21.12 15.40 -15.25
CA GLU C 78 -21.86 14.14 -15.31
C GLU C 78 -20.87 13.00 -15.55
N LEU C 79 -21.30 11.78 -15.25
CA LEU C 79 -20.46 10.62 -15.48
C LEU C 79 -20.49 10.26 -16.97
N ILE C 80 -19.29 10.12 -17.55
CA ILE C 80 -19.13 9.71 -18.94
C ILE C 80 -18.24 8.47 -19.02
N VAL C 81 -18.37 7.76 -20.14
CA VAL C 81 -17.48 6.67 -20.54
C VAL C 81 -16.82 7.07 -21.85
N TRP C 82 -15.49 7.11 -21.88
CA TRP C 82 -14.77 7.29 -23.13
C TRP C 82 -14.93 6.05 -24.00
N ASP C 83 -15.12 6.25 -25.31
CA ASP C 83 -15.16 5.11 -26.21
C ASP C 83 -13.85 4.34 -26.10
N SER C 84 -12.74 5.07 -26.01
CA SER C 84 -11.41 4.48 -25.94
CA SER C 84 -11.40 4.46 -25.90
C SER C 84 -10.49 5.44 -25.18
N VAL C 85 -9.47 4.91 -24.53
CA VAL C 85 -8.49 5.77 -23.87
C VAL C 85 -7.10 5.47 -24.41
N ASP C 86 -6.27 6.51 -24.39
CA ASP C 86 -4.91 6.43 -24.89
C ASP C 86 -3.99 6.33 -23.68
N PRO C 87 -2.92 5.51 -23.74
CA PRO C 87 -1.93 5.48 -22.67
C PRO C 87 -1.08 6.75 -22.60
N GLN C 88 -0.97 7.25 -21.37
CA GLN C 88 0.06 8.21 -21.01
C GLN C 88 1.07 7.42 -20.18
N PHE C 89 2.31 7.37 -20.65
CA PHE C 89 3.34 6.54 -20.06
C PHE C 89 4.56 7.39 -19.72
N THR C 90 5.28 6.99 -18.66
CA THR C 90 6.49 7.69 -18.29
C THR C 90 7.69 7.15 -19.09
N VAL C 91 8.53 8.11 -19.48
CA VAL C 91 9.72 7.90 -20.28
C VAL C 91 10.91 8.40 -19.44
N PHE C 92 11.94 7.59 -19.32
CA PHE C 92 13.08 7.99 -18.49
C PHE C 92 14.17 8.57 -19.37
N HIS C 93 14.79 9.67 -18.91
CA HIS C 93 15.92 10.26 -19.60
C HIS C 93 17.16 9.89 -18.78
N GLN C 94 17.99 9.00 -19.34
N GLN C 94 18.03 9.03 -19.31
CA GLN C 94 19.14 8.47 -18.62
CA GLN C 94 19.15 8.57 -18.50
C GLN C 94 20.12 9.61 -18.31
C GLN C 94 20.13 9.72 -18.24
N GLU C 95 20.22 10.61 -19.19
N GLU C 95 20.25 10.65 -19.18
CA GLU C 95 21.24 11.64 -19.04
CA GLU C 95 21.28 11.67 -19.05
C GLU C 95 21.01 12.51 -17.80
C GLU C 95 21.02 12.60 -17.85
N THR C 96 19.74 12.84 -17.55
CA THR C 96 19.33 13.75 -16.48
C THR C 96 18.79 13.00 -15.25
N GLU C 97 18.45 11.72 -15.43
CA GLU C 97 17.80 10.90 -14.40
C GLU C 97 16.45 11.52 -14.01
N THR C 98 15.71 12.03 -15.00
CA THR C 98 14.39 12.61 -14.87
C THR C 98 13.48 11.90 -15.85
N PHE C 99 12.17 12.02 -15.64
CA PHE C 99 11.20 11.42 -16.56
C PHE C 99 10.32 12.50 -17.19
N SER C 100 9.66 12.08 -18.27
CA SER C 100 8.58 12.82 -18.92
C SER C 100 7.40 11.88 -19.05
N ALA C 101 6.23 12.45 -19.31
CA ALA C 101 5.06 11.68 -19.68
C ALA C 101 4.69 11.96 -21.13
N LEU C 102 4.59 10.88 -21.94
CA LEU C 102 4.21 10.91 -23.34
C LEU C 102 2.92 10.12 -23.52
N SER C 103 2.20 10.44 -24.59
CA SER C 103 1.00 9.72 -24.97
CA SER C 103 1.04 9.66 -24.96
C SER C 103 1.08 9.36 -26.45
N CYS C 104 0.39 8.30 -26.85
CA CYS C 104 0.20 8.05 -28.26
C CYS C 104 -1.12 7.34 -28.42
N PRO C 105 -1.71 7.43 -29.63
CA PRO C 105 -2.99 6.79 -29.86
C PRO C 105 -2.96 5.28 -29.67
N TYR C 106 -4.00 4.81 -28.98
CA TYR C 106 -4.22 3.39 -28.84
C TYR C 106 -4.71 2.86 -30.19
N SER C 107 -4.24 1.65 -30.53
CA SER C 107 -4.77 0.84 -31.62
C SER C 107 -4.89 -0.61 -31.13
N SER C 108 -6.00 -1.27 -31.46
CA SER C 108 -6.14 -2.71 -31.23
C SER C 108 -5.15 -3.53 -32.05
N ASP C 109 -4.54 -2.96 -33.10
CA ASP C 109 -3.52 -3.64 -33.88
C ASP C 109 -2.15 -3.35 -33.29
N ILE C 110 -1.46 -4.40 -32.81
CA ILE C 110 -0.21 -4.21 -32.11
C ILE C 110 0.79 -3.51 -33.02
N ASP C 111 0.75 -3.83 -34.33
CA ASP C 111 1.73 -3.24 -35.26
C ASP C 111 1.51 -1.72 -35.40
N GLN C 112 0.27 -1.29 -35.57
CA GLN C 112 -0.07 0.12 -35.63
C GLN C 112 0.25 0.80 -34.30
N PHE C 113 -0.07 0.16 -33.16
CA PHE C 113 0.28 0.74 -31.88
C PHE C 113 1.78 1.02 -31.82
N MET C 114 2.60 0.06 -32.26
N MET C 114 2.58 0.06 -32.27
CA MET C 114 4.04 0.21 -32.16
CA MET C 114 4.03 0.18 -32.17
C MET C 114 4.54 1.32 -33.10
C MET C 114 4.55 1.30 -33.09
N VAL C 115 3.91 1.47 -34.26
CA VAL C 115 4.19 2.62 -35.13
C VAL C 115 3.98 3.93 -34.36
N ASN C 116 2.85 4.00 -33.64
CA ASN C 116 2.41 5.19 -32.92
C ASN C 116 3.43 5.49 -31.82
N TYR C 117 3.82 4.45 -31.07
CA TYR C 117 4.78 4.57 -29.97
C TYR C 117 6.14 5.03 -30.46
N LEU C 118 6.68 4.34 -31.48
CA LEU C 118 8.01 4.70 -31.97
C LEU C 118 8.03 6.10 -32.54
N SER C 119 6.94 6.56 -33.14
CA SER C 119 6.85 7.92 -33.67
C SER C 119 6.96 8.96 -32.55
N VAL C 120 6.22 8.77 -31.44
CA VAL C 120 6.27 9.74 -30.36
CA VAL C 120 6.26 9.75 -30.36
C VAL C 120 7.64 9.72 -29.73
N MET C 121 8.21 8.52 -29.57
CA MET C 121 9.54 8.45 -28.99
C MET C 121 10.55 9.19 -29.87
N GLU C 122 10.44 9.02 -31.19
CA GLU C 122 11.37 9.70 -32.08
C GLU C 122 11.21 11.22 -31.98
N ARG C 123 9.96 11.68 -31.86
CA ARG C 123 9.72 13.12 -31.85
C ARG C 123 10.07 13.77 -30.52
N TYR C 124 9.96 13.05 -29.40
CA TYR C 124 10.08 13.70 -28.09
C TYR C 124 11.01 13.07 -27.06
N LYS C 125 11.74 11.98 -27.36
CA LYS C 125 12.48 11.28 -26.32
C LYS C 125 13.62 12.12 -25.71
N SER C 126 14.07 13.19 -26.39
N SER C 126 14.10 13.17 -26.41
CA SER C 126 15.15 14.03 -25.88
CA SER C 126 15.15 14.05 -25.90
C SER C 126 14.62 15.28 -25.15
C SER C 126 14.60 15.14 -24.96
N ASP C 127 13.29 15.39 -25.02
CA ASP C 127 12.68 16.57 -24.42
C ASP C 127 12.50 16.34 -22.92
N THR C 128 13.11 17.20 -22.10
CA THR C 128 13.07 17.03 -20.66
C THR C 128 11.84 17.66 -20.00
N LYS C 129 10.98 18.38 -20.73
CA LYS C 129 9.73 18.88 -20.16
C LYS C 129 8.93 17.70 -19.64
N LEU C 130 8.15 17.95 -18.59
CA LEU C 130 7.34 16.91 -17.99
C LEU C 130 6.27 16.44 -18.96
N PHE C 131 5.61 17.37 -19.67
CA PHE C 131 4.60 17.06 -20.67
C PHE C 131 4.97 17.65 -22.03
N PRO C 132 5.93 17.02 -22.75
CA PRO C 132 6.48 17.62 -24.00
C PRO C 132 5.40 17.92 -25.04
N GLN C 133 4.33 17.13 -25.08
CA GLN C 133 3.32 17.26 -26.14
C GLN C 133 2.21 18.26 -25.81
N GLY C 134 2.23 18.86 -24.60
CA GLY C 134 1.15 19.70 -24.12
C GLY C 134 0.27 18.96 -23.12
N VAL C 135 -1.00 19.35 -23.03
CA VAL C 135 -1.89 18.86 -21.98
C VAL C 135 -2.20 17.38 -22.25
N THR C 136 -2.25 16.59 -21.18
CA THR C 136 -2.59 15.18 -21.26
C THR C 136 -3.94 15.03 -21.98
N PRO C 137 -4.08 14.14 -22.98
CA PRO C 137 -5.39 13.87 -23.59
C PRO C 137 -6.43 13.59 -22.52
N GLU C 138 -7.68 14.00 -22.78
CA GLU C 138 -8.69 13.90 -21.76
C GLU C 138 -9.03 12.43 -21.50
N ASN C 139 -8.95 11.63 -22.56
CA ASN C 139 -9.25 10.20 -22.53
C ASN C 139 -7.94 9.42 -22.35
N HIS C 140 -7.49 9.30 -21.09
CA HIS C 140 -6.18 8.74 -20.87
C HIS C 140 -6.20 7.65 -19.81
N LEU C 141 -5.08 6.91 -19.82
CA LEU C 141 -4.75 5.93 -18.80
C LEU C 141 -3.31 6.20 -18.34
N ASN C 142 -2.98 6.21 -17.05
CA ASN C 142 -1.59 6.41 -16.65
C ASN C 142 -0.90 5.06 -16.39
N ILE C 143 0.28 4.92 -16.99
CA ILE C 143 1.14 3.75 -16.86
C ILE C 143 2.57 4.21 -16.58
N SER C 144 3.16 3.66 -15.51
N SER C 144 3.19 3.73 -15.48
CA SER C 144 4.53 3.92 -15.16
CA SER C 144 4.59 4.02 -15.21
C SER C 144 5.30 2.60 -15.01
C SER C 144 5.36 2.76 -14.80
N ALA C 145 6.61 2.68 -15.27
CA ALA C 145 7.50 1.60 -14.95
C ALA C 145 8.50 2.11 -13.93
N LEU C 146 8.91 1.17 -13.11
N LEU C 146 8.76 1.31 -12.89
CA LEU C 146 9.91 1.43 -12.11
CA LEU C 146 9.97 1.43 -12.07
C LEU C 146 10.90 0.27 -12.21
C LEU C 146 10.79 0.18 -12.30
N PRO C 147 11.61 0.15 -13.37
CA PRO C 147 12.31 -1.08 -13.72
C PRO C 147 13.56 -1.38 -12.91
N TRP C 148 13.95 -0.48 -12.00
CA TRP C 148 15.23 -0.54 -11.31
C TRP C 148 15.14 -1.36 -10.02
N VAL C 149 13.93 -1.62 -9.52
CA VAL C 149 13.83 -2.31 -8.23
C VAL C 149 12.54 -3.13 -8.27
N ASN C 150 12.57 -4.32 -7.65
CA ASN C 150 11.42 -5.18 -7.52
C ASN C 150 10.66 -4.68 -6.29
N PHE C 151 9.32 -4.62 -6.38
CA PHE C 151 8.53 -4.31 -5.18
C PHE C 151 7.41 -5.32 -5.11
N ASP C 152 6.86 -5.51 -3.90
CA ASP C 152 5.63 -6.27 -3.68
C ASP C 152 4.41 -5.38 -3.39
N SER C 153 4.67 -4.11 -3.05
N SER C 153 4.64 -4.09 -3.17
CA SER C 153 3.63 -3.10 -2.83
CA SER C 153 3.59 -3.13 -2.88
C SER C 153 4.06 -1.78 -3.46
C SER C 153 4.03 -1.77 -3.40
N PHE C 154 3.07 -1.04 -3.97
CA PHE C 154 3.25 0.34 -4.35
C PHE C 154 1.90 1.03 -4.17
N ASN C 155 1.91 2.20 -3.50
CA ASN C 155 0.68 2.95 -3.29
C ASN C 155 1.02 4.43 -3.45
N LEU C 156 0.17 5.15 -4.16
CA LEU C 156 0.25 6.62 -4.26
C LEU C 156 -0.66 7.22 -3.21
N ASN C 157 -0.05 8.10 -2.42
CA ASN C 157 -0.75 8.89 -1.42
C ASN C 157 -1.00 10.26 -2.05
N VAL C 158 -2.23 10.46 -2.54
CA VAL C 158 -2.59 11.67 -3.29
C VAL C 158 -3.42 12.57 -2.37
N ALA C 159 -3.00 13.80 -2.16
CA ALA C 159 -3.66 14.71 -1.25
C ALA C 159 -5.13 14.97 -1.62
N ASN C 160 -5.42 15.19 -2.90
CA ASN C 160 -6.79 15.36 -3.36
C ASN C 160 -7.01 14.58 -4.65
N PHE C 161 -7.80 13.49 -4.57
CA PHE C 161 -8.10 12.65 -5.73
C PHE C 161 -9.57 12.79 -6.15
N THR C 162 -10.25 13.90 -5.76
CA THR C 162 -11.66 14.10 -6.05
C THR C 162 -12.02 13.89 -7.53
N ASP C 163 -12.95 12.96 -7.76
CA ASP C 163 -13.54 12.68 -9.07
C ASP C 163 -12.50 12.29 -10.13
N TYR C 164 -11.31 11.83 -9.73
CA TYR C 164 -10.35 11.29 -10.69
C TYR C 164 -10.51 9.77 -10.82
N PHE C 165 -11.03 9.30 -11.97
CA PHE C 165 -11.51 7.93 -12.09
C PHE C 165 -10.62 7.08 -13.00
N ALA C 166 -9.61 7.70 -13.63
CA ALA C 166 -8.76 6.93 -14.53
C ALA C 166 -7.86 6.02 -13.71
N PRO C 167 -7.72 4.72 -14.05
CA PRO C 167 -6.82 3.85 -13.29
C PRO C 167 -5.38 4.30 -13.46
N ILE C 168 -4.61 4.05 -12.40
CA ILE C 168 -3.18 4.29 -12.40
C ILE C 168 -2.46 2.94 -12.25
N ILE C 169 -1.60 2.62 -13.21
CA ILE C 169 -0.94 1.33 -13.30
C ILE C 169 0.58 1.53 -13.17
N THR C 170 1.21 0.76 -12.29
CA THR C 170 2.64 0.90 -12.05
C THR C 170 3.28 -0.49 -12.09
N MET C 171 4.33 -0.68 -12.89
N MET C 171 4.37 -0.61 -12.84
CA MET C 171 5.00 -1.99 -12.93
CA MET C 171 5.11 -1.86 -12.95
C MET C 171 6.43 -1.86 -12.40
C MET C 171 6.43 -1.75 -12.19
N ALA C 172 6.91 -2.90 -11.69
CA ALA C 172 8.24 -2.94 -11.10
C ALA C 172 9.20 -3.74 -11.98
N LYS C 173 10.42 -3.91 -11.49
CA LYS C 173 11.36 -4.88 -12.02
C LYS C 173 10.80 -6.31 -11.90
N TYR C 174 10.74 -7.03 -13.03
CA TYR C 174 10.38 -8.44 -13.00
C TYR C 174 11.53 -9.27 -12.41
N GLN C 175 11.16 -10.42 -11.85
CA GLN C 175 12.07 -11.25 -11.07
C GLN C 175 11.71 -12.71 -11.27
N GLN C 176 12.71 -13.57 -11.42
CA GLN C 176 12.52 -15.00 -11.55
C GLN C 176 12.15 -15.58 -10.18
N GLU C 177 11.09 -16.42 -10.14
CA GLU C 177 10.74 -17.19 -8.95
C GLU C 177 10.48 -18.64 -9.36
N GLY C 178 11.46 -19.51 -9.12
CA GLY C 178 11.36 -20.86 -9.64
C GLY C 178 11.40 -20.83 -11.16
N ASP C 179 10.40 -21.45 -11.82
N ASP C 179 10.36 -21.43 -11.78
CA ASP C 179 10.32 -21.44 -13.27
CA ASP C 179 10.25 -21.50 -13.23
C ASP C 179 9.21 -20.48 -13.73
C ASP C 179 9.48 -20.30 -13.79
N ARG C 180 8.91 -19.47 -12.91
CA ARG C 180 8.01 -18.39 -13.32
C ARG C 180 8.78 -17.06 -13.31
N LEU C 181 8.56 -16.23 -14.34
CA LEU C 181 9.08 -14.87 -14.32
C LEU C 181 7.93 -13.96 -13.90
N LEU C 182 8.06 -13.25 -12.77
CA LEU C 182 6.93 -12.52 -12.20
C LEU C 182 7.16 -11.00 -12.30
N LEU C 183 6.16 -10.30 -12.82
CA LEU C 183 6.13 -8.85 -12.92
C LEU C 183 5.17 -8.28 -11.89
N PRO C 184 5.67 -7.52 -10.89
CA PRO C 184 4.77 -6.85 -9.95
C PRO C 184 4.03 -5.72 -10.66
N LEU C 185 2.74 -5.63 -10.39
CA LEU C 185 1.90 -4.66 -11.03
C LEU C 185 0.97 -4.12 -9.95
N SER C 186 0.99 -2.81 -9.78
CA SER C 186 0.06 -2.10 -8.93
C SER C 186 -1.03 -1.44 -9.77
N VAL C 187 -2.26 -1.53 -9.28
CA VAL C 187 -3.43 -0.94 -9.92
C VAL C 187 -4.11 -0.09 -8.87
N GLN C 188 -4.33 1.21 -9.15
CA GLN C 188 -4.91 2.09 -8.16
C GLN C 188 -6.09 2.79 -8.78
N VAL C 189 -7.24 2.61 -8.12
CA VAL C 189 -8.52 3.05 -8.67
C VAL C 189 -9.31 3.85 -7.65
N HIS C 190 -10.36 4.49 -8.16
CA HIS C 190 -11.37 5.16 -7.34
C HIS C 190 -12.53 4.22 -7.10
N HIS C 191 -12.97 4.08 -5.85
CA HIS C 191 -13.97 3.08 -5.53
C HIS C 191 -15.36 3.46 -6.08
N ALA C 192 -15.54 4.74 -6.46
CA ALA C 192 -16.82 5.16 -7.05
C ALA C 192 -17.10 4.42 -8.35
N VAL C 193 -16.06 4.07 -9.12
CA VAL C 193 -16.26 3.45 -10.44
C VAL C 193 -15.75 2.00 -10.49
N CYS C 194 -14.89 1.60 -9.54
CA CYS C 194 -14.32 0.26 -9.54
CA CYS C 194 -14.30 0.28 -9.53
C CYS C 194 -14.40 -0.37 -8.15
N ASP C 195 -14.93 -1.60 -8.11
CA ASP C 195 -14.86 -2.44 -6.91
C ASP C 195 -13.71 -3.46 -7.08
N GLY C 196 -13.49 -4.28 -6.05
CA GLY C 196 -12.50 -5.36 -6.14
C GLY C 196 -12.72 -6.28 -7.33
N PHE C 197 -13.99 -6.58 -7.62
CA PHE C 197 -14.34 -7.44 -8.75
C PHE C 197 -13.75 -6.90 -10.06
N HIS C 198 -13.91 -5.58 -10.32
CA HIS C 198 -13.47 -5.04 -11.58
C HIS C 198 -11.96 -4.99 -11.69
N VAL C 199 -11.28 -4.69 -10.57
CA VAL C 199 -9.83 -4.65 -10.61
C VAL C 199 -9.31 -6.09 -10.82
N ALA C 200 -9.90 -7.04 -10.11
CA ALA C 200 -9.50 -8.44 -10.33
C ALA C 200 -9.73 -8.86 -11.78
N ARG C 201 -10.90 -8.49 -12.32
CA ARG C 201 -11.21 -8.82 -13.71
C ARG C 201 -10.18 -8.25 -14.68
N PHE C 202 -9.72 -7.00 -14.43
CA PHE C 202 -8.69 -6.37 -15.22
C PHE C 202 -7.36 -7.13 -15.13
N ILE C 203 -6.91 -7.43 -13.92
CA ILE C 203 -5.63 -8.11 -13.74
C ILE C 203 -5.61 -9.49 -14.43
N ASN C 204 -6.71 -10.24 -14.24
CA ASN C 204 -6.84 -11.57 -14.81
C ASN C 204 -6.89 -11.54 -16.34
N ARG C 205 -7.59 -10.55 -16.91
CA ARG C 205 -7.59 -10.33 -18.35
C ARG C 205 -6.19 -9.99 -18.86
N LEU C 206 -5.49 -9.07 -18.18
CA LEU C 206 -4.11 -8.78 -18.54
C LEU C 206 -3.26 -10.06 -18.53
N GLN C 207 -3.35 -10.85 -17.47
CA GLN C 207 -2.63 -12.13 -17.40
C GLN C 207 -2.94 -13.01 -18.63
N GLU C 208 -4.21 -13.04 -19.05
N GLU C 208 -4.23 -13.08 -19.01
CA GLU C 208 -4.62 -13.85 -20.20
CA GLU C 208 -4.62 -13.84 -20.20
C GLU C 208 -3.98 -13.32 -21.49
C GLU C 208 -3.85 -13.33 -21.41
N LEU C 209 -3.85 -12.00 -21.60
CA LEU C 209 -3.27 -11.39 -22.79
C LEU C 209 -1.78 -11.66 -22.85
N CYS C 210 -1.13 -11.58 -21.69
CA CYS C 210 0.29 -11.86 -21.59
C CYS C 210 0.60 -13.30 -22.04
N ASN C 211 -0.35 -14.21 -21.82
CA ASN C 211 -0.21 -15.64 -22.12
C ASN C 211 -0.71 -15.98 -23.53
N SER C 212 -1.18 -14.97 -24.28
CA SER C 212 -1.70 -15.15 -25.62
C SER C 212 -0.71 -14.70 -26.69
N LYS C 213 -0.87 -15.23 -27.91
CA LYS C 213 -0.09 -14.74 -29.05
C LYS C 213 -0.26 -13.23 -29.19
N LEU C 214 0.84 -12.55 -29.48
CA LEU C 214 0.84 -11.13 -29.75
C LEU C 214 0.32 -10.85 -31.17
N LYS C 215 0.87 -11.65 -32.12
CA LYS C 215 0.50 -11.71 -33.53
C LYS C 215 -0.88 -12.37 -33.71
#